data_7S8M
#
_entry.id   7S8M
#
_cell.length_a   1.00
_cell.length_b   1.00
_cell.length_c   1.00
_cell.angle_alpha   90.00
_cell.angle_beta   90.00
_cell.angle_gamma   90.00
#
_symmetry.space_group_name_H-M   'P 1'
#
loop_
_entity.id
_entity.type
_entity.pdbx_description
1 polymer 'Guanine nucleotide-binding protein G(i) subunit alpha-1'
2 polymer 'Guanine nucleotide-binding protein G(I)/G(S)/G(T) subunit beta-1'
3 polymer 'Guanine nucleotide-binding protein G(I)/G(S)/G(O) subunit gamma-2'
4 polymer scFv16
5 polymer 'Soluble cytochrome b562, Mas-related G-protein coupled receptor member X2 chimera'
6 polymer 'Cortistatin 14'
#
loop_
_entity_poly.entity_id
_entity_poly.type
_entity_poly.pdbx_seq_one_letter_code
_entity_poly.pdbx_strand_id
1 'polypeptide(L)'
;MGCTLSAEDKAAVERSKMIDRNLREDGEKAAREVKLLLLGAGESGKNTIVKQMKIIHEAGYSEEECKQYKAVVYSNTIQS
IIAIIRAMGRLKIDFGDSARADDARQLFVLAGAAEEGFMTAELAGVIKRLWKDSGVQACFNRSREYQLNDSAAYYLNDLD
RIAQPNYIPTQQDVLRTRVKTTGIVETHFTFKDLHFKMFDVGAQRSERKKWIHCFEGVTAIIFCVALSDYDLVLAEDEEM
NRMHASMKLFDSICNNKWFTDTSIILFLNKKDLFEEKIKKSPLTICYPEYAGSNTYEEAAAYIQCQFEDLNKRKDTKEIY
THFTCSTDTKNVQFVFDAVTDVIIKNNLKDCGLF
;
B
2 'polypeptide(L)'
;MHHHHHHLEVLFQGPGSSGSELDQLRQEAEQLKNQIRDARKACADATLSQITNNIDPVGRIQMRTRRTLRGHLAKIYAMH
WGTDSRLLVSASQDGKLIIWDSYTTNKVHAIPLRSSWVMTCAYAPSGNYVACGGLDNICSIYNLKTREGNVRVSRELAGH
TGYLSCCRFLDDNQIVTSSGDTTCALWDIETGQQTTTFTGHTGDVMSLSLAPDTRLFVSGACDASAKLWDVREGMCRQTF
TGHESDINAICFFPNGNAFATGSDDATCRLFDLRADQELMTYSHDNIICGITSVSFSKSGRLLLAGYDDFNCNVWDALKA
DRAGVLAGHDNRVSCLGVTDDGMAVATGSWDSFLKIWN
;
C
3 'polypeptide(L)' MASNNTASIAQARKLVEQLKMEANIDRIKVSKAAADLMAYCEAHAKEDPLLTPVPASENPFREKKFFCAIL D
4 'polypeptide(L)'
;DVQLVESGGGLVQPGGSRKLSCSASGFAFSSFGMHWVRQAPEKGLEWVAYISSGSGTIYYADTVKGRFTISRDDPKNTLF
LQMTSLRSEDTAMYYCVRSIYYYGSSPFDFWGQGTTLTVSSGGGGSGGGGSGGGGSDIVMTQATSSVPVTPGESVSISCR
SSKSLLHSNGNTYLYWFLQRPGQSPQLLIYRMSNLASGVPDRFSGSGSGTAFTLTISRLEAEDVGVYYCMQHLEYPLTFG
AGTKLELKAAALEVLFQGPHHHHHHHH
;
E
5 'polypeptide(L)'
;DYKDDDDAKLQTMHHHHHHHHHHENLYFQGGTTMADLEDNWETLNDNLKVIEKADNAAQVKDALTKMRAAALDAQKATPP
KLEDKSPDSPEMKDFRHGFDILVGQIDDALKLANEGKVKEAQAAAEQLKTTRNAYIQKYLGSTLEVLFQGPDPTTPAWGT
ESTTVNGNDQALLLLCGKETLIPVFLILFIALVGLVGNGFVLWLLGFRMRRNAFSVYVLSLAGADFLFLCFQIINCLVYL
SNFFCSISINFPSFFTTVMTCAYLAGLSMLSTVSTERCLSVLWPIWYRCRRPRHLSAVVCVLLWALSLLLSILEGKFCGF
LFSDGDSGWCQTFDFITAAWLIFLFMVLCGSSLALLVRILCGSRGLPLTRLYLTILLTVLVFLLCGLPFGIQWFLILWIW
KDSDVLFCHIHPVSVVLSSLNSSANPIIYFFVGSFRKQWRLQQPILKLALQRALQDIAEVDHSEGCFRQGTPEMSRSSLV
;
R
6 'polypeptide(L)' PCKNFFWKTFSSCK A
#
# COMPACT_ATOMS: atom_id res chain seq x y z
N LEU A 5 -22.43 -13.45 4.70
CA LEU A 5 -22.31 -12.03 5.00
C LEU A 5 -23.67 -11.40 5.23
N SER A 6 -23.70 -10.40 6.11
CA SER A 6 -24.92 -9.62 6.32
C SER A 6 -24.99 -8.50 5.28
N ALA A 7 -26.11 -7.76 5.30
CA ALA A 7 -26.27 -6.66 4.36
C ALA A 7 -25.23 -5.57 4.61
N GLU A 8 -25.00 -5.23 5.87
CA GLU A 8 -24.02 -4.21 6.20
C GLU A 8 -22.61 -4.66 5.84
N ASP A 9 -22.31 -5.95 6.02
CA ASP A 9 -21.01 -6.47 5.61
C ASP A 9 -20.84 -6.37 4.10
N LYS A 10 -21.90 -6.67 3.34
CA LYS A 10 -21.83 -6.53 1.89
C LYS A 10 -21.58 -5.09 1.48
N ALA A 11 -22.26 -4.15 2.14
CA ALA A 11 -22.04 -2.75 1.83
C ALA A 11 -20.62 -2.31 2.18
N ALA A 12 -20.08 -2.83 3.29
CA ALA A 12 -18.69 -2.55 3.64
C ALA A 12 -17.73 -3.08 2.59
N VAL A 13 -18.00 -4.28 2.07
CA VAL A 13 -17.17 -4.83 1.01
C VAL A 13 -17.24 -3.96 -0.24
N GLU A 14 -18.43 -3.45 -0.57
CA GLU A 14 -18.57 -2.56 -1.71
C GLU A 14 -17.76 -1.28 -1.51
N ARG A 15 -17.81 -0.71 -0.30
CA ARG A 15 -17.02 0.48 0.01
C ARG A 15 -15.53 0.19 -0.15
N SER A 16 -15.08 -0.98 0.32
CA SER A 16 -13.67 -1.33 0.17
C SER A 16 -13.29 -1.48 -1.30
N LYS A 17 -14.20 -2.03 -2.12
CA LYS A 17 -13.92 -2.15 -3.55
C LYS A 17 -13.81 -0.78 -4.21
N MET A 18 -14.68 0.15 -3.84
CA MET A 18 -14.57 1.50 -4.40
C MET A 18 -13.26 2.16 -3.98
N ILE A 19 -12.85 1.96 -2.73
CA ILE A 19 -11.57 2.50 -2.28
C ILE A 19 -10.43 1.89 -3.07
N ASP A 20 -10.50 0.58 -3.34
CA ASP A 20 -9.47 -0.07 -4.16
C ASP A 20 -9.40 0.52 -5.55
N ARG A 21 -10.57 0.77 -6.17
CA ARG A 21 -10.59 1.36 -7.50
C ARG A 21 -9.94 2.73 -7.50
N ASN A 22 -10.27 3.56 -6.50
CA ASN A 22 -9.68 4.89 -6.43
C ASN A 22 -8.17 4.81 -6.21
N LEU A 23 -7.71 3.89 -5.36
CA LEU A 23 -6.29 3.74 -5.12
C LEU A 23 -5.56 3.30 -6.37
N ARG A 24 -6.15 2.37 -7.13
CA ARG A 24 -5.53 1.93 -8.38
C ARG A 24 -5.45 3.08 -9.38
N GLU A 25 -6.51 3.88 -9.48
CA GLU A 25 -6.47 5.02 -10.40
C GLU A 25 -5.40 6.02 -10.00
N ASP A 26 -5.29 6.32 -8.71
CA ASP A 26 -4.27 7.27 -8.25
C ASP A 26 -2.87 6.72 -8.47
N GLY A 27 -2.68 5.42 -8.27
CA GLY A 27 -1.38 4.82 -8.53
C GLY A 27 -0.99 4.85 -9.99
N GLU A 28 -1.96 4.58 -10.87
CA GLU A 28 -1.69 4.69 -12.30
C GLU A 28 -1.34 6.12 -12.69
N LYS A 29 -2.03 7.10 -12.10
CA LYS A 29 -1.70 8.49 -12.37
C LYS A 29 -0.29 8.84 -11.90
N ALA A 30 0.07 8.38 -10.70
CA ALA A 30 1.36 8.73 -10.11
C ALA A 30 2.53 7.98 -10.73
N ALA A 31 2.29 6.82 -11.34
CA ALA A 31 3.37 6.07 -11.97
C ALA A 31 3.81 6.66 -13.30
N ARG A 32 3.09 7.63 -13.83
CA ARG A 32 3.43 8.27 -15.10
C ARG A 32 4.08 9.63 -14.93
N GLU A 33 4.41 10.02 -13.70
CA GLU A 33 5.07 11.28 -13.44
C GLU A 33 6.57 11.06 -13.28
N VAL A 34 7.34 12.07 -13.64
CA VAL A 34 8.80 12.02 -13.61
C VAL A 34 9.27 12.72 -12.35
N LYS A 35 10.00 12.00 -11.50
CA LYS A 35 10.47 12.52 -10.23
C LYS A 35 11.93 12.91 -10.31
N LEU A 36 12.21 14.15 -9.93
CA LEU A 36 13.53 14.74 -9.96
C LEU A 36 13.91 15.16 -8.55
N LEU A 37 15.10 14.81 -8.12
CA LEU A 37 15.61 15.20 -6.81
C LEU A 37 16.66 16.29 -7.01
N LEU A 38 16.36 17.49 -6.55
CA LEU A 38 17.23 18.64 -6.75
C LEU A 38 18.17 18.77 -5.55
N LEU A 39 19.48 18.67 -5.82
CA LEU A 39 20.48 18.76 -4.77
C LEU A 39 21.52 19.80 -5.14
N GLY A 40 22.13 20.38 -4.13
CA GLY A 40 23.12 21.41 -4.31
C GLY A 40 23.22 22.29 -3.08
N ALA A 41 24.13 23.26 -3.16
CA ALA A 41 24.32 24.22 -2.09
C ALA A 41 23.39 25.41 -2.28
N GLY A 42 23.28 26.24 -1.24
CA GLY A 42 22.40 27.40 -1.31
C GLY A 42 22.86 28.42 -2.33
N GLU A 43 24.16 28.72 -2.34
CA GLU A 43 24.74 29.62 -3.32
C GLU A 43 25.13 28.90 -4.60
N SER A 44 24.95 27.58 -4.66
CA SER A 44 25.25 26.83 -5.86
C SER A 44 24.34 27.21 -7.02
N GLY A 45 23.12 27.61 -6.72
CA GLY A 45 22.17 28.03 -7.73
C GLY A 45 21.16 26.93 -8.02
N LYS A 46 20.00 27.04 -7.37
CA LYS A 46 18.88 26.14 -7.62
C LYS A 46 17.64 27.00 -7.82
N ASN A 47 17.63 28.16 -7.17
CA ASN A 47 16.54 29.11 -7.38
C ASN A 47 16.50 29.59 -8.81
N THR A 48 17.67 29.83 -9.41
CA THR A 48 17.72 30.19 -10.82
C THR A 48 17.25 29.03 -11.69
N ILE A 49 17.65 27.80 -11.36
CA ILE A 49 17.21 26.64 -12.12
C ILE A 49 15.70 26.46 -11.98
N VAL A 50 15.17 26.62 -10.77
CA VAL A 50 13.73 26.49 -10.55
C VAL A 50 12.98 27.56 -11.33
N LYS A 51 13.47 28.80 -11.30
CA LYS A 51 12.82 29.89 -12.02
C LYS A 51 12.85 29.64 -13.53
N GLN A 52 13.97 29.12 -14.04
CA GLN A 52 14.04 28.78 -15.45
C GLN A 52 13.07 27.65 -15.80
N MET A 53 12.92 26.68 -14.92
CA MET A 53 12.08 25.51 -15.17
C MET A 53 10.64 25.72 -14.74
N LYS A 54 10.28 26.90 -14.24
CA LYS A 54 8.90 27.18 -13.87
C LYS A 54 8.49 28.57 -14.33
N THR A 182 8.62 25.60 6.26
CA THR A 182 9.81 24.79 6.04
C THR A 182 9.43 23.40 5.55
N GLY A 183 10.41 22.50 5.55
CA GLY A 183 10.19 21.15 5.07
C GLY A 183 11.00 20.85 3.83
N ILE A 184 10.36 20.30 2.81
CA ILE A 184 10.96 20.20 1.49
C ILE A 184 9.98 20.80 0.50
N VAL A 185 10.52 21.32 -0.61
CA VAL A 185 9.74 22.10 -1.56
C VAL A 185 9.47 21.24 -2.78
N GLU A 186 8.21 21.24 -3.23
CA GLU A 186 7.78 20.48 -4.40
C GLU A 186 7.39 21.46 -5.49
N THR A 187 8.00 21.30 -6.67
CA THR A 187 7.71 22.12 -7.83
C THR A 187 7.17 21.25 -8.95
N HIS A 188 6.00 21.61 -9.47
CA HIS A 188 5.37 20.88 -10.55
C HIS A 188 5.48 21.67 -11.84
N PHE A 189 5.94 21.02 -12.90
CA PHE A 189 5.88 21.65 -14.22
C PHE A 189 5.58 20.61 -15.28
N THR A 190 5.35 21.08 -16.50
CA THR A 190 4.97 20.21 -17.62
C THR A 190 5.77 20.62 -18.84
N PHE A 191 6.36 19.64 -19.52
CA PHE A 191 7.17 19.91 -20.71
C PHE A 191 7.01 18.73 -21.66
N LYS A 192 6.28 18.95 -22.75
CA LYS A 192 6.12 17.96 -23.83
C LYS A 192 5.52 16.66 -23.32
N ASP A 193 4.29 16.78 -22.80
CA ASP A 193 3.46 15.65 -22.39
C ASP A 193 4.02 14.87 -21.21
N LEU A 194 4.90 15.47 -20.42
CA LEU A 194 5.36 14.89 -19.16
C LEU A 194 5.06 15.83 -18.01
N HIS A 195 4.75 15.24 -16.86
CA HIS A 195 4.58 15.97 -15.62
C HIS A 195 5.81 15.73 -14.76
N PHE A 196 6.52 16.80 -14.44
CA PHE A 196 7.75 16.73 -13.66
C PHE A 196 7.49 17.24 -12.25
N LYS A 197 7.85 16.43 -11.27
CA LYS A 197 7.82 16.80 -9.85
C LYS A 197 9.25 16.91 -9.37
N MET A 198 9.64 18.10 -8.93
CA MET A 198 11.00 18.37 -8.47
C MET A 198 10.99 18.59 -6.97
N PHE A 199 11.80 17.83 -6.26
CA PHE A 199 11.84 17.84 -4.79
C PHE A 199 13.15 18.48 -4.35
N ASP A 200 13.06 19.60 -3.66
CA ASP A 200 14.21 20.30 -3.12
C ASP A 200 14.23 20.05 -1.62
N VAL A 201 15.36 19.53 -1.13
CA VAL A 201 15.50 19.10 0.26
C VAL A 201 16.57 19.92 0.96
N GLY A 202 16.77 21.16 0.50
CA GLY A 202 17.83 21.99 1.06
C GLY A 202 17.55 22.46 2.47
N ALA A 203 16.29 22.60 2.84
CA ALA A 203 15.93 23.06 4.18
C ALA A 203 16.10 21.98 5.24
N GLN A 204 16.28 20.72 4.83
CA GLN A 204 16.45 19.62 5.78
C GLN A 204 17.89 19.61 6.26
N ARG A 205 18.15 20.32 7.35
CA ARG A 205 19.48 20.41 7.94
C ARG A 205 19.65 19.36 9.02
N SER A 206 19.54 18.10 8.61
CA SER A 206 19.63 16.96 9.52
C SER A 206 20.44 15.86 8.85
N GLU A 207 20.63 14.76 9.56
CA GLU A 207 21.38 13.63 9.04
C GLU A 207 20.61 13.02 7.87
N ARG A 208 21.12 13.23 6.65
CA ARG A 208 20.41 12.80 5.46
C ARG A 208 20.48 11.30 5.23
N LYS A 209 21.28 10.57 6.00
CA LYS A 209 21.28 9.12 5.90
C LYS A 209 19.99 8.49 6.39
N LYS A 210 19.14 9.24 7.07
CA LYS A 210 17.89 8.72 7.62
C LYS A 210 16.68 9.03 6.76
N TRP A 211 16.83 9.81 5.69
CA TRP A 211 15.71 10.06 4.79
C TRP A 211 16.08 10.03 3.32
N ILE A 212 17.33 9.71 2.97
CA ILE A 212 17.71 9.67 1.56
C ILE A 212 17.11 8.46 0.85
N HIS A 213 16.73 7.42 1.60
CA HIS A 213 16.10 6.25 0.99
C HIS A 213 14.64 6.50 0.63
N CYS A 214 14.06 7.60 1.09
CA CYS A 214 12.72 7.99 0.65
C CYS A 214 12.68 8.29 -0.83
N PHE A 215 13.84 8.56 -1.44
CA PHE A 215 13.95 8.85 -2.86
C PHE A 215 14.64 7.71 -3.61
N GLU A 216 14.45 6.47 -3.13
CA GLU A 216 15.06 5.32 -3.80
C GLU A 216 14.58 5.22 -5.24
N GLY A 217 13.27 5.25 -5.46
CA GLY A 217 12.75 5.30 -6.80
C GLY A 217 12.50 6.73 -7.23
N VAL A 218 13.47 7.30 -7.93
CA VAL A 218 13.38 8.65 -8.45
C VAL A 218 13.92 8.63 -9.87
N THR A 219 13.25 9.33 -10.78
CA THR A 219 13.64 9.28 -12.17
C THR A 219 15.04 9.83 -12.39
N ALA A 220 15.37 10.96 -11.74
CA ALA A 220 16.72 11.50 -11.91
C ALA A 220 17.08 12.41 -10.75
N ILE A 221 18.38 12.67 -10.62
CA ILE A 221 18.91 13.59 -9.62
C ILE A 221 19.56 14.75 -10.35
N ILE A 222 19.04 15.95 -10.13
CA ILE A 222 19.60 17.17 -10.69
C ILE A 222 20.53 17.76 -9.64
N PHE A 223 21.83 17.73 -9.90
CA PHE A 223 22.82 18.22 -8.95
C PHE A 223 23.43 19.49 -9.51
N CYS A 224 23.31 20.58 -8.75
CA CYS A 224 23.75 21.89 -9.19
C CYS A 224 25.06 22.28 -8.51
N VAL A 225 26.00 22.79 -9.30
CA VAL A 225 27.25 23.33 -8.79
C VAL A 225 27.49 24.66 -9.48
N ALA A 226 27.77 25.69 -8.68
CA ALA A 226 28.16 26.99 -9.21
C ALA A 226 29.68 27.01 -9.33
N LEU A 227 30.19 26.88 -10.55
CA LEU A 227 31.62 26.77 -10.72
C LEU A 227 32.34 28.11 -10.58
N SER A 228 31.65 29.12 -10.05
CA SER A 228 32.29 30.38 -9.68
C SER A 228 32.68 30.43 -8.21
N ASP A 229 32.52 29.33 -7.47
CA ASP A 229 32.86 29.29 -6.06
C ASP A 229 34.21 28.62 -5.81
N TYR A 230 34.99 28.36 -6.87
CA TYR A 230 36.30 27.73 -6.68
C TYR A 230 37.21 28.60 -5.83
N ASP A 231 37.13 29.92 -6.00
CA ASP A 231 37.92 30.82 -5.18
C ASP A 231 37.32 30.96 -3.78
N LEU A 232 35.99 30.95 -3.68
CA LEU A 232 35.32 31.28 -2.44
C LEU A 232 35.53 30.19 -1.39
N VAL A 233 35.25 30.55 -0.14
CA VAL A 233 35.36 29.66 1.01
C VAL A 233 34.09 29.83 1.84
N LEU A 234 33.61 28.73 2.42
CA LEU A 234 32.42 28.76 3.28
C LEU A 234 32.53 29.83 4.36
N MET A 240 37.90 25.53 4.23
CA MET A 240 37.07 24.64 3.43
C MET A 240 36.50 25.34 2.21
N ASN A 241 37.01 24.98 1.03
CA ASN A 241 36.51 25.55 -0.21
C ASN A 241 35.09 25.07 -0.49
N ARG A 242 34.26 25.97 -1.03
CA ARG A 242 32.90 25.58 -1.41
C ARG A 242 32.93 24.52 -2.48
N MET A 243 33.90 24.60 -3.39
CA MET A 243 33.98 23.66 -4.49
C MET A 243 34.25 22.26 -3.98
N HIS A 244 35.12 22.12 -2.98
CA HIS A 244 35.39 20.82 -2.38
C HIS A 244 34.18 20.30 -1.61
N ALA A 245 33.42 21.18 -0.97
CA ALA A 245 32.19 20.74 -0.31
C ALA A 245 31.20 20.19 -1.32
N SER A 246 31.06 20.87 -2.46
CA SER A 246 30.21 20.36 -3.53
C SER A 246 30.72 19.02 -4.03
N MET A 247 32.04 18.87 -4.16
CA MET A 247 32.61 17.61 -4.61
C MET A 247 32.30 16.49 -3.62
N LYS A 248 32.43 16.77 -2.32
CA LYS A 248 32.14 15.76 -1.31
C LYS A 248 30.67 15.36 -1.34
N LEU A 249 29.77 16.33 -1.47
CA LEU A 249 28.35 16.00 -1.53
C LEU A 249 28.03 15.17 -2.78
N PHE A 250 28.64 15.53 -3.90
CA PHE A 250 28.44 14.76 -5.13
C PHE A 250 28.98 13.34 -4.98
N ASP A 251 30.13 13.19 -4.32
CA ASP A 251 30.68 11.85 -4.10
C ASP A 251 29.76 11.03 -3.21
N SER A 252 29.19 11.65 -2.18
CA SER A 252 28.27 10.93 -1.30
C SER A 252 27.01 10.50 -2.04
N ILE A 253 26.44 11.39 -2.84
CA ILE A 253 25.19 11.07 -3.53
C ILE A 253 25.42 10.04 -4.64
N CYS A 254 26.47 10.23 -5.44
CA CYS A 254 26.70 9.36 -6.59
C CYS A 254 27.00 7.93 -6.16
N ASN A 255 27.73 7.74 -5.07
CA ASN A 255 28.14 6.42 -4.63
C ASN A 255 27.24 5.86 -3.54
N ASN A 256 26.09 6.49 -3.30
CA ASN A 256 25.14 5.98 -2.32
C ASN A 256 24.52 4.68 -2.82
N LYS A 257 24.21 3.78 -1.87
CA LYS A 257 23.63 2.50 -2.23
C LYS A 257 22.18 2.60 -2.67
N TRP A 258 21.52 3.73 -2.45
CA TRP A 258 20.15 3.91 -2.88
C TRP A 258 20.05 4.48 -4.29
N PHE A 259 21.16 4.90 -4.88
CA PHE A 259 21.18 5.52 -6.20
C PHE A 259 22.20 4.83 -7.10
N THR A 260 22.19 3.50 -7.09
CA THR A 260 23.15 2.75 -7.89
C THR A 260 22.91 2.94 -9.38
N ASP A 261 21.66 2.96 -9.80
CA ASP A 261 21.31 3.07 -11.22
C ASP A 261 20.44 4.29 -11.48
N THR A 262 20.77 5.41 -10.85
CA THR A 262 20.00 6.65 -10.99
C THR A 262 20.82 7.66 -11.78
N SER A 263 20.22 8.21 -12.82
CA SER A 263 20.90 9.20 -13.65
C SER A 263 21.04 10.52 -12.92
N ILE A 264 22.15 11.20 -13.19
CA ILE A 264 22.49 12.46 -12.56
C ILE A 264 22.69 13.51 -13.65
N ILE A 265 21.86 14.54 -13.64
CA ILE A 265 22.06 15.71 -14.49
C ILE A 265 22.88 16.71 -13.70
N LEU A 266 24.11 16.95 -14.14
CA LEU A 266 25.04 17.84 -13.46
C LEU A 266 24.99 19.20 -14.12
N PHE A 267 24.44 20.18 -13.42
CA PHE A 267 24.38 21.55 -13.92
C PHE A 267 25.55 22.34 -13.34
N LEU A 268 26.24 23.07 -14.21
CA LEU A 268 27.36 23.92 -13.81
C LEU A 268 26.94 25.37 -14.09
N ASN A 269 26.36 26.00 -13.08
CA ASN A 269 25.75 27.31 -13.21
C ASN A 269 26.79 28.42 -13.01
N LYS A 270 26.40 29.63 -13.42
CA LYS A 270 27.23 30.83 -13.30
C LYS A 270 28.53 30.68 -14.10
N LYS A 271 28.38 30.39 -15.39
CA LYS A 271 29.53 30.32 -16.28
C LYS A 271 30.06 31.70 -16.65
N ASP A 272 29.22 32.74 -16.61
CA ASP A 272 29.69 34.08 -16.92
C ASP A 272 30.59 34.64 -15.83
N LEU A 273 30.19 34.47 -14.56
CA LEU A 273 31.08 34.88 -13.48
C LEU A 273 32.36 34.05 -13.45
N PHE A 274 32.27 32.77 -13.83
CA PHE A 274 33.47 31.96 -13.93
C PHE A 274 34.40 32.46 -15.01
N GLU A 275 33.86 32.84 -16.17
CA GLU A 275 34.68 33.36 -17.24
C GLU A 275 35.31 34.70 -16.86
N GLU A 276 34.56 35.55 -16.15
CA GLU A 276 35.12 36.83 -15.72
C GLU A 276 36.20 36.63 -14.66
N LYS A 277 35.99 35.71 -13.72
CA LYS A 277 36.90 35.53 -12.60
C LYS A 277 38.08 34.61 -12.89
N ILE A 278 38.04 33.85 -13.99
CA ILE A 278 39.15 32.95 -14.28
C ILE A 278 40.37 33.74 -14.77
N LYS A 279 40.15 34.93 -15.32
CA LYS A 279 41.27 35.74 -15.81
C LYS A 279 42.15 36.23 -14.65
N LYS A 280 41.53 36.66 -13.55
CA LYS A 280 42.27 37.23 -12.43
C LYS A 280 42.74 36.16 -11.45
N SER A 281 41.79 35.41 -10.88
CA SER A 281 42.12 34.37 -9.91
C SER A 281 42.30 33.04 -10.65
N PRO A 282 43.48 32.43 -10.61
CA PRO A 282 43.67 31.15 -11.29
C PRO A 282 42.96 30.01 -10.56
N LEU A 283 42.74 28.93 -11.30
CA LEU A 283 42.10 27.75 -10.75
C LEU A 283 43.00 26.99 -9.78
N THR A 284 44.28 27.36 -9.69
CA THR A 284 45.20 26.70 -8.78
C THR A 284 44.74 26.81 -7.32
N ILE A 285 43.91 27.80 -7.00
CA ILE A 285 43.41 27.96 -5.64
C ILE A 285 42.62 26.72 -5.22
N CYS A 286 41.73 26.25 -6.10
CA CYS A 286 40.97 25.04 -5.78
C CYS A 286 41.74 23.78 -6.11
N TYR A 287 42.44 23.76 -7.24
CA TYR A 287 43.21 22.59 -7.67
C TYR A 287 44.67 22.97 -7.79
N PRO A 288 45.49 22.71 -6.77
CA PRO A 288 46.92 23.03 -6.88
C PRO A 288 47.62 22.24 -7.96
N GLU A 289 47.10 21.06 -8.32
CA GLU A 289 47.70 20.20 -9.32
C GLU A 289 47.09 20.39 -10.71
N TYR A 290 46.60 21.59 -11.01
CA TYR A 290 45.92 21.82 -12.28
C TYR A 290 46.91 21.76 -13.44
N ALA A 291 47.88 22.68 -13.46
CA ALA A 291 48.90 22.75 -14.50
C ALA A 291 48.28 22.77 -15.89
N GLY A 292 47.50 23.82 -16.15
CA GLY A 292 46.84 23.97 -17.43
C GLY A 292 46.65 25.43 -17.77
N SER A 293 46.20 25.66 -19.00
CA SER A 293 45.95 27.02 -19.46
C SER A 293 44.81 27.66 -18.69
N ASN A 294 44.94 28.96 -18.44
CA ASN A 294 43.95 29.70 -17.67
C ASN A 294 42.91 30.34 -18.59
N THR A 295 42.24 29.49 -19.37
CA THR A 295 41.17 29.91 -20.24
C THR A 295 39.88 29.23 -19.80
N TYR A 296 38.76 29.75 -20.30
CA TYR A 296 37.46 29.23 -19.88
C TYR A 296 37.29 27.77 -20.32
N GLU A 297 37.70 27.44 -21.54
CA GLU A 297 37.47 26.10 -22.07
C GLU A 297 38.22 25.04 -21.27
N GLU A 298 39.52 25.24 -21.05
CA GLU A 298 40.31 24.25 -20.35
C GLU A 298 39.88 24.11 -18.90
N ALA A 299 39.62 25.23 -18.23
CA ALA A 299 39.19 25.18 -16.84
C ALA A 299 37.84 24.50 -16.71
N ALA A 300 36.90 24.81 -17.61
CA ALA A 300 35.59 24.18 -17.58
C ALA A 300 35.71 22.67 -17.81
N ALA A 301 36.54 22.26 -18.76
CA ALA A 301 36.74 20.84 -19.00
C ALA A 301 37.35 20.16 -17.79
N TYR A 302 38.30 20.83 -17.11
CA TYR A 302 38.90 20.24 -15.92
C TYR A 302 37.88 20.10 -14.81
N ILE A 303 37.01 21.10 -14.61
CA ILE A 303 35.96 21.00 -13.61
C ILE A 303 35.05 19.81 -13.91
N GLN A 304 34.61 19.69 -15.16
CA GLN A 304 33.70 18.61 -15.52
C GLN A 304 34.36 17.25 -15.33
N CYS A 305 35.63 17.13 -15.72
CA CYS A 305 36.34 15.87 -15.54
C CYS A 305 36.51 15.53 -14.07
N GLN A 306 36.82 16.53 -13.24
CA GLN A 306 36.99 16.28 -11.82
C GLN A 306 35.70 15.79 -11.19
N PHE A 307 34.57 16.37 -11.59
CA PHE A 307 33.30 15.92 -11.02
C PHE A 307 32.91 14.54 -11.54
N GLU A 308 33.15 14.27 -12.83
CA GLU A 308 32.79 12.96 -13.38
C GLU A 308 33.70 11.85 -12.88
N ASP A 309 34.93 12.18 -12.46
CA ASP A 309 35.83 11.16 -11.94
C ASP A 309 35.44 10.67 -10.55
N LEU A 310 34.60 11.42 -9.83
CA LEU A 310 34.14 10.99 -8.52
C LEU A 310 33.16 9.83 -8.61
N ASN A 311 32.70 9.48 -9.82
CA ASN A 311 31.72 8.43 -10.01
C ASN A 311 32.44 7.09 -10.03
N LYS A 312 32.62 6.51 -8.85
CA LYS A 312 33.11 5.14 -8.75
C LYS A 312 32.08 4.20 -9.34
N ARG A 313 32.56 3.16 -10.02
CA ARG A 313 31.70 2.22 -10.75
C ARG A 313 30.84 2.97 -11.77
N LYS A 314 31.52 3.58 -12.73
CA LYS A 314 30.85 4.39 -13.76
C LYS A 314 30.45 3.56 -14.96
N ASP A 315 29.76 2.46 -14.70
CA ASP A 315 29.16 1.64 -15.74
C ASP A 315 27.69 1.34 -15.49
N THR A 316 27.17 1.64 -14.29
CA THR A 316 25.79 1.36 -13.95
C THR A 316 24.93 2.61 -13.86
N LYS A 317 25.49 3.80 -14.12
CA LYS A 317 24.69 5.01 -14.19
C LYS A 317 25.33 5.96 -15.18
N GLU A 318 24.54 6.95 -15.61
CA GLU A 318 24.98 7.97 -16.54
C GLU A 318 24.99 9.32 -15.84
N ILE A 319 25.95 10.16 -16.22
CA ILE A 319 26.10 11.51 -15.68
C ILE A 319 26.06 12.48 -16.85
N TYR A 320 25.04 13.32 -16.89
CA TYR A 320 24.88 14.32 -17.93
C TYR A 320 25.33 15.67 -17.38
N THR A 321 26.26 16.32 -18.06
CA THR A 321 26.83 17.59 -17.62
C THR A 321 26.47 18.68 -18.61
N HIS A 322 25.96 19.80 -18.11
CA HIS A 322 25.59 20.93 -18.93
C HIS A 322 26.12 22.21 -18.29
N PHE A 323 26.60 23.13 -19.13
CA PHE A 323 27.09 24.42 -18.68
C PHE A 323 26.00 25.46 -18.91
N THR A 324 25.56 26.10 -17.84
CA THR A 324 24.41 26.99 -17.89
C THR A 324 24.75 28.34 -17.29
N CYS A 325 23.99 29.35 -17.72
CA CYS A 325 24.10 30.71 -17.21
C CYS A 325 22.73 31.18 -16.76
N SER A 326 22.70 32.34 -16.11
CA SER A 326 21.43 32.92 -15.66
C SER A 326 20.52 33.24 -16.84
N THR A 327 21.08 33.82 -17.90
CA THR A 327 20.31 34.18 -19.09
C THR A 327 20.45 33.04 -20.11
N ASP A 328 19.73 31.96 -19.84
CA ASP A 328 19.80 30.77 -20.69
C ASP A 328 18.51 29.98 -20.53
N THR A 329 17.82 29.73 -21.64
CA THR A 329 16.63 28.88 -21.64
C THR A 329 16.88 27.70 -22.57
N LYS A 330 17.60 26.70 -22.06
CA LYS A 330 17.75 25.41 -22.72
C LYS A 330 17.77 24.26 -21.73
N ASN A 331 17.58 24.52 -20.43
CA ASN A 331 17.81 23.52 -19.41
C ASN A 331 16.68 22.50 -19.35
N VAL A 332 15.45 22.93 -19.61
CA VAL A 332 14.33 21.99 -19.63
C VAL A 332 14.51 20.98 -20.76
N GLN A 333 15.06 21.42 -21.90
CA GLN A 333 15.35 20.49 -22.98
C GLN A 333 16.41 19.47 -22.56
N PHE A 334 17.43 19.92 -21.84
CA PHE A 334 18.48 19.02 -21.37
C PHE A 334 17.91 17.98 -20.41
N VAL A 335 17.07 18.41 -19.47
CA VAL A 335 16.45 17.49 -18.53
C VAL A 335 15.53 16.51 -19.27
N PHE A 336 14.79 17.01 -20.25
CA PHE A 336 13.92 16.15 -21.04
C PHE A 336 14.71 15.08 -21.78
N ASP A 337 15.82 15.47 -22.39
CA ASP A 337 16.67 14.51 -23.11
C ASP A 337 17.23 13.47 -22.16
N ALA A 338 17.68 13.90 -20.99
CA ALA A 338 18.21 12.94 -20.01
C ALA A 338 17.12 11.99 -19.52
N VAL A 339 15.92 12.51 -19.28
CA VAL A 339 14.83 11.69 -18.75
C VAL A 339 14.31 10.71 -19.81
N THR A 340 14.41 11.07 -21.09
CA THR A 340 13.95 10.17 -22.14
C THR A 340 14.73 8.86 -22.12
N ASP A 341 16.04 8.93 -21.90
CA ASP A 341 16.85 7.72 -21.82
C ASP A 341 16.43 6.84 -20.65
N VAL A 342 16.17 7.45 -19.49
CA VAL A 342 15.72 6.69 -18.33
C VAL A 342 14.38 6.02 -18.62
N ILE A 343 13.48 6.74 -19.30
CA ILE A 343 12.18 6.15 -19.65
C ILE A 343 12.36 4.98 -20.59
N ILE A 344 13.25 5.11 -21.59
CA ILE A 344 13.49 4.02 -22.53
C ILE A 344 13.99 2.79 -21.78
N LYS A 345 14.95 2.98 -20.88
CA LYS A 345 15.47 1.86 -20.11
C LYS A 345 14.38 1.26 -19.21
N ASN A 346 13.55 2.13 -18.62
CA ASN A 346 12.53 1.66 -17.70
C ASN A 346 11.47 0.82 -18.39
N ASN A 347 11.00 1.24 -19.57
CA ASN A 347 9.98 0.46 -20.25
C ASN A 347 10.59 -0.62 -21.15
N LEU A 348 11.91 -0.69 -21.26
CA LEU A 348 12.53 -1.95 -21.68
C LEU A 348 12.58 -2.94 -20.53
N LYS A 349 12.78 -2.44 -19.31
CA LYS A 349 12.72 -3.30 -18.13
C LYS A 349 11.31 -3.84 -17.92
N ASP A 350 10.30 -3.00 -18.14
CA ASP A 350 8.91 -3.46 -18.05
C ASP A 350 8.62 -4.54 -19.08
N CYS A 351 9.22 -4.44 -20.26
CA CYS A 351 9.00 -5.40 -21.33
C CYS A 351 9.92 -6.61 -21.24
N GLY A 352 10.49 -6.86 -20.07
CA GLY A 352 11.21 -8.09 -19.79
C GLY A 352 12.68 -8.15 -20.16
N LEU A 353 13.07 -7.51 -21.25
CA LEU A 353 14.42 -7.63 -21.78
C LEU A 353 15.41 -6.68 -21.14
N PHE A 354 14.98 -5.87 -20.18
CA PHE A 354 15.85 -4.94 -19.46
C PHE A 354 16.57 -3.98 -20.41
N SER B 20 39.28 28.37 30.05
CA SER B 20 39.39 28.50 31.50
C SER B 20 38.24 27.78 32.20
N GLU B 21 37.06 28.40 32.18
CA GLU B 21 35.90 27.80 32.81
C GLU B 21 35.38 26.61 32.01
N LEU B 22 35.57 26.61 30.70
CA LEU B 22 35.10 25.50 29.88
C LEU B 22 35.80 24.19 30.24
N ASP B 23 37.11 24.25 30.46
CA ASP B 23 37.85 23.06 30.85
C ASP B 23 37.41 22.56 32.23
N GLN B 24 37.16 23.49 33.16
CA GLN B 24 36.68 23.10 34.48
C GLN B 24 35.31 22.43 34.39
N LEU B 25 34.42 22.98 33.57
CA LEU B 25 33.10 22.37 33.41
C LEU B 25 33.19 21.01 32.74
N ARG B 26 34.10 20.86 31.77
CA ARG B 26 34.29 19.55 31.15
C ARG B 26 34.81 18.53 32.16
N GLN B 27 35.76 18.94 33.01
CA GLN B 27 36.26 18.04 34.04
C GLN B 27 35.17 17.66 35.02
N GLU B 28 34.34 18.62 35.41
CA GLU B 28 33.22 18.33 36.31
C GLU B 28 32.23 17.37 35.67
N ALA B 29 31.96 17.55 34.38
CA ALA B 29 31.07 16.64 33.66
C ALA B 29 31.64 15.23 33.62
N GLU B 30 32.94 15.11 33.35
CA GLU B 30 33.58 13.79 33.37
C GLU B 30 33.51 13.15 34.75
N GLN B 31 33.73 13.95 35.80
CA GLN B 31 33.63 13.41 37.16
C GLN B 31 32.21 12.93 37.45
N LEU B 32 31.20 13.70 37.05
CA LEU B 32 29.82 13.29 37.29
C LEU B 32 29.47 12.03 36.50
N LYS B 33 29.95 11.93 35.26
CA LYS B 33 29.71 10.72 34.48
C LYS B 33 30.36 9.51 35.13
N ASN B 34 31.58 9.66 35.63
CA ASN B 34 32.24 8.57 36.34
C ASN B 34 31.46 8.19 37.60
N GLN B 35 30.93 9.18 38.31
CA GLN B 35 30.13 8.89 39.49
C GLN B 35 28.88 8.11 39.14
N ILE B 36 28.19 8.50 38.07
CA ILE B 36 27.00 7.77 37.64
C ILE B 36 27.36 6.34 37.23
N ARG B 37 28.46 6.18 36.51
CA ARG B 37 28.89 4.85 36.08
C ARG B 37 29.20 3.96 37.28
N ASP B 38 29.89 4.50 38.28
CA ASP B 38 30.18 3.72 39.47
C ASP B 38 28.91 3.40 40.25
N ALA B 39 27.98 4.35 40.32
CA ALA B 39 26.73 4.13 41.03
C ALA B 39 25.92 3.01 40.40
N ARG B 40 25.82 3.00 39.07
CA ARG B 40 25.05 1.97 38.40
C ARG B 40 25.85 0.70 38.13
N LYS B 41 27.15 0.69 38.46
CA LYS B 41 27.91 -0.55 38.45
C LYS B 41 27.90 -1.25 39.80
N ALA B 42 27.56 -0.53 40.87
CA ALA B 42 27.53 -1.10 42.21
C ALA B 42 26.19 -1.72 42.56
N CYS B 43 25.21 -1.67 41.66
CA CYS B 43 23.92 -2.30 41.85
C CYS B 43 23.64 -3.33 40.76
N ALA B 44 24.65 -4.15 40.47
CA ALA B 44 24.60 -5.18 39.44
C ALA B 44 25.07 -6.52 40.00
N ASP B 45 24.52 -6.89 41.15
CA ASP B 45 24.97 -8.11 41.83
C ASP B 45 24.74 -9.36 40.98
N ALA B 46 23.73 -9.33 40.11
CA ALA B 46 23.48 -10.44 39.20
C ALA B 46 22.96 -9.88 37.88
N THR B 47 22.73 -10.77 36.93
CA THR B 47 22.19 -10.43 35.63
C THR B 47 20.80 -11.06 35.46
N LEU B 48 20.12 -10.67 34.38
CA LEU B 48 18.83 -11.26 34.08
C LEU B 48 18.98 -12.68 33.53
N SER B 49 20.11 -12.97 32.89
CA SER B 49 20.37 -14.33 32.42
C SER B 49 20.50 -15.31 33.58
N GLN B 50 21.14 -14.89 34.67
CA GLN B 50 21.37 -15.79 35.79
C GLN B 50 20.08 -16.10 36.52
N ILE B 51 19.21 -15.12 36.69
CA ILE B 51 17.97 -15.34 37.42
C ILE B 51 17.00 -16.21 36.62
N THR B 52 16.88 -15.94 35.32
CA THR B 52 15.95 -16.66 34.47
C THR B 52 16.56 -17.91 33.84
N ASN B 53 17.58 -18.50 34.46
CA ASN B 53 18.17 -19.73 33.94
C ASN B 53 17.43 -20.98 34.38
N ASN B 54 16.52 -20.88 35.36
CA ASN B 54 15.79 -22.02 35.88
C ASN B 54 14.34 -22.05 35.43
N ILE B 55 13.94 -21.17 34.52
CA ILE B 55 12.58 -21.16 34.01
C ILE B 55 12.56 -21.86 32.66
N ASP B 56 11.49 -22.61 32.41
CA ASP B 56 11.41 -23.39 31.19
C ASP B 56 11.27 -22.46 29.98
N PRO B 57 12.07 -22.66 28.94
CA PRO B 57 11.97 -21.79 27.75
C PRO B 57 10.69 -22.07 26.97
N VAL B 58 10.27 -21.06 26.23
CA VAL B 58 9.21 -21.24 25.25
C VAL B 58 9.81 -21.98 24.05
N GLY B 59 9.12 -23.02 23.59
CA GLY B 59 9.72 -23.95 22.66
C GLY B 59 10.03 -23.40 21.29
N ARG B 60 8.99 -23.14 20.51
CA ARG B 60 9.16 -22.62 19.16
C ARG B 60 7.85 -21.99 18.69
N ILE B 61 7.86 -20.70 18.47
CA ILE B 61 6.66 -19.96 18.10
C ILE B 61 6.44 -20.11 16.60
N GLN B 62 5.34 -20.74 16.23
CA GLN B 62 4.98 -20.94 14.82
C GLN B 62 3.78 -20.05 14.51
N MET B 63 4.07 -18.82 14.13
CA MET B 63 3.04 -17.90 13.67
C MET B 63 2.88 -18.02 12.17
N ARG B 64 1.64 -17.90 11.71
CA ARG B 64 1.31 -18.05 10.31
C ARG B 64 0.54 -16.82 9.83
N THR B 65 0.71 -16.49 8.56
CA THR B 65 0.08 -15.30 7.98
C THR B 65 -1.41 -15.56 7.85
N ARG B 66 -2.19 -15.05 8.81
CA ARG B 66 -3.64 -15.16 8.74
C ARG B 66 -4.22 -14.21 7.71
N ARG B 67 -3.72 -12.96 7.68
CA ARG B 67 -4.23 -11.95 6.78
C ARG B 67 -3.06 -11.27 6.06
N THR B 68 -3.31 -10.87 4.82
CA THR B 68 -2.38 -10.06 4.05
C THR B 68 -3.16 -8.89 3.47
N LEU B 69 -2.83 -7.69 3.90
CA LEU B 69 -3.55 -6.49 3.50
C LEU B 69 -2.89 -5.88 2.27
N ARG B 70 -3.63 -5.80 1.17
CA ARG B 70 -3.14 -5.28 -0.10
C ARG B 70 -3.86 -3.99 -0.45
N GLY B 71 -3.18 -3.14 -1.21
CA GLY B 71 -3.77 -1.88 -1.62
C GLY B 71 -2.78 -0.74 -1.65
N HIS B 72 -1.73 -0.83 -0.86
CA HIS B 72 -0.68 0.18 -0.88
C HIS B 72 0.23 -0.06 -2.07
N LEU B 73 0.61 1.03 -2.74
CA LEU B 73 1.37 0.96 -3.98
C LEU B 73 2.79 1.50 -3.83
N ALA B 74 3.27 1.66 -2.60
CA ALA B 74 4.62 2.14 -2.34
C ALA B 74 5.09 1.53 -1.02
N LYS B 75 6.18 2.06 -0.48
CA LYS B 75 6.75 1.52 0.74
C LYS B 75 5.90 1.90 1.95
N ILE B 76 5.63 0.93 2.82
CA ILE B 76 4.99 1.20 4.10
C ILE B 76 6.03 1.72 5.06
N TYR B 77 5.77 2.88 5.68
CA TYR B 77 6.69 3.41 6.66
C TYR B 77 6.22 3.33 8.10
N ALA B 78 4.92 3.21 8.34
CA ALA B 78 4.44 3.09 9.71
C ALA B 78 3.09 2.41 9.73
N MET B 79 2.78 1.81 10.88
CA MET B 79 1.42 1.38 11.19
C MET B 79 1.18 1.56 12.67
N HIS B 80 -0.09 1.61 13.05
CA HIS B 80 -0.45 1.66 14.46
C HIS B 80 -1.79 0.94 14.66
N TRP B 81 -1.81 0.03 15.63
CA TRP B 81 -3.06 -0.64 15.99
C TRP B 81 -3.97 0.32 16.76
N GLY B 82 -5.27 0.11 16.58
CA GLY B 82 -6.24 0.76 17.43
C GLY B 82 -6.39 0.05 18.76
N THR B 83 -7.06 0.71 19.70
CA THR B 83 -7.26 0.14 21.02
C THR B 83 -8.29 -0.98 21.03
N ASP B 84 -9.09 -1.09 19.97
CA ASP B 84 -10.08 -2.16 19.88
C ASP B 84 -9.48 -3.45 19.31
N SER B 85 -8.21 -3.44 18.92
CA SER B 85 -7.50 -4.60 18.39
C SER B 85 -8.12 -5.13 17.10
N ARG B 86 -8.91 -4.31 16.41
CA ARG B 86 -9.50 -4.68 15.13
C ARG B 86 -9.15 -3.73 14.01
N LEU B 87 -9.15 -2.43 14.26
CA LEU B 87 -8.82 -1.44 13.25
C LEU B 87 -7.35 -1.06 13.36
N LEU B 88 -6.71 -0.85 12.21
CA LEU B 88 -5.32 -0.41 12.18
C LEU B 88 -5.12 0.61 11.07
N VAL B 89 -4.11 1.46 11.25
CA VAL B 89 -3.80 2.53 10.31
C VAL B 89 -2.41 2.29 9.74
N SER B 90 -2.24 2.57 8.44
CA SER B 90 -0.97 2.40 7.76
C SER B 90 -0.66 3.60 6.90
N ALA B 91 0.62 3.94 6.81
CA ALA B 91 1.10 5.11 6.09
C ALA B 91 2.08 4.68 5.01
N SER B 92 1.89 5.19 3.79
CA SER B 92 2.80 4.87 2.70
C SER B 92 3.18 6.13 1.92
N GLN B 93 4.27 6.03 1.17
CA GLN B 93 4.77 7.12 0.35
C GLN B 93 3.92 7.36 -0.89
N ASP B 94 2.94 6.52 -1.15
CA ASP B 94 1.97 6.80 -2.20
C ASP B 94 0.98 7.89 -1.81
N GLY B 95 1.26 8.60 -0.73
CA GLY B 95 0.39 9.67 -0.27
C GLY B 95 -0.88 9.17 0.38
N LYS B 96 -0.87 7.96 0.94
CA LYS B 96 -2.07 7.35 1.47
C LYS B 96 -1.90 6.94 2.93
N LEU B 97 -2.96 7.20 3.69
CA LEU B 97 -3.17 6.70 5.05
C LEU B 97 -4.40 5.81 5.00
N ILE B 98 -4.21 4.50 5.08
CA ILE B 98 -5.29 3.54 4.92
C ILE B 98 -5.66 2.96 6.27
N ILE B 99 -6.94 2.92 6.58
CA ILE B 99 -7.46 2.32 7.81
C ILE B 99 -8.13 1.00 7.44
N TRP B 100 -7.57 -0.09 7.95
CA TRP B 100 -8.05 -1.44 7.68
C TRP B 100 -8.85 -1.98 8.86
N ASP B 101 -9.91 -2.72 8.54
CA ASP B 101 -10.60 -3.59 9.48
C ASP B 101 -9.96 -4.97 9.34
N SER B 102 -9.06 -5.31 10.27
CA SER B 102 -8.19 -6.47 10.09
C SER B 102 -8.94 -7.79 10.09
N TYR B 103 -10.15 -7.85 10.64
CA TYR B 103 -10.92 -9.10 10.62
C TYR B 103 -11.37 -9.43 9.21
N THR B 104 -12.13 -8.53 8.59
CA THR B 104 -12.67 -8.75 7.26
C THR B 104 -11.65 -8.45 6.17
N THR B 105 -10.54 -7.78 6.51
CA THR B 105 -9.51 -7.39 5.55
C THR B 105 -10.13 -6.44 4.51
N ASN B 106 -10.95 -5.51 4.99
CA ASN B 106 -11.54 -4.51 4.12
C ASN B 106 -11.24 -3.12 4.66
N LYS B 107 -11.07 -2.18 3.74
CA LYS B 107 -10.65 -0.83 4.08
C LYS B 107 -11.82 0.01 4.56
N VAL B 108 -11.58 0.79 5.60
CA VAL B 108 -12.58 1.69 6.16
C VAL B 108 -12.42 3.10 5.62
N HIS B 109 -11.20 3.64 5.67
CA HIS B 109 -10.90 4.97 5.15
C HIS B 109 -9.61 4.94 4.35
N ALA B 110 -9.54 5.80 3.34
CA ALA B 110 -8.32 6.05 2.59
C ALA B 110 -8.11 7.56 2.54
N ILE B 111 -7.16 8.05 3.32
CA ILE B 111 -6.93 9.49 3.52
C ILE B 111 -5.80 9.90 2.59
N PRO B 112 -6.02 10.85 1.67
CA PRO B 112 -4.91 11.38 0.88
C PRO B 112 -4.17 12.50 1.60
N LEU B 113 -2.86 12.36 1.74
CA LEU B 113 -2.06 13.34 2.46
C LEU B 113 -1.62 14.45 1.52
N ARG B 114 -1.47 15.66 2.07
CA ARG B 114 -0.94 16.77 1.30
C ARG B 114 0.54 16.58 0.99
N SER B 115 1.29 15.96 1.90
CA SER B 115 2.68 15.63 1.69
C SER B 115 2.81 14.11 1.63
N SER B 116 3.41 13.60 0.55
CA SER B 116 3.54 12.18 0.34
C SER B 116 4.73 11.57 1.05
N TRP B 117 5.55 12.37 1.72
CA TRP B 117 6.76 11.88 2.38
C TRP B 117 6.48 11.59 3.85
N VAL B 118 5.60 10.62 4.07
CA VAL B 118 5.20 10.26 5.42
C VAL B 118 6.20 9.28 6.02
N MET B 119 6.51 9.47 7.29
CA MET B 119 7.41 8.60 8.01
C MET B 119 6.83 8.06 9.31
N THR B 120 5.62 8.47 9.68
CA THR B 120 5.03 8.03 10.93
C THR B 120 3.51 8.16 10.85
N CYS B 121 2.83 7.39 11.69
CA CYS B 121 1.39 7.47 11.85
C CYS B 121 1.01 6.97 13.22
N ALA B 122 -0.05 7.56 13.79
CA ALA B 122 -0.52 7.19 15.11
C ALA B 122 -2.05 7.10 15.10
N TYR B 123 -2.57 6.19 15.91
CA TYR B 123 -4.00 6.00 16.07
C TYR B 123 -4.37 6.44 17.48
N ALA B 124 -5.38 7.29 17.60
CA ALA B 124 -5.75 7.82 18.90
C ALA B 124 -6.36 6.72 19.77
N PRO B 125 -6.13 6.76 21.08
CA PRO B 125 -6.74 5.76 21.96
C PRO B 125 -8.26 5.76 21.91
N SER B 126 -8.88 6.92 21.71
CA SER B 126 -10.34 6.97 21.60
C SER B 126 -10.82 6.44 20.25
N GLY B 127 -9.98 6.55 19.22
CA GLY B 127 -10.36 6.11 17.89
C GLY B 127 -10.99 7.16 17.01
N ASN B 128 -11.02 8.41 17.46
CA ASN B 128 -11.64 9.49 16.70
C ASN B 128 -10.66 10.26 15.83
N TYR B 129 -9.35 10.03 16.00
CA TYR B 129 -8.34 10.82 15.31
C TYR B 129 -7.22 9.93 14.82
N VAL B 130 -6.55 10.39 13.76
CA VAL B 130 -5.29 9.82 13.32
C VAL B 130 -4.29 10.95 13.13
N ALA B 131 -3.01 10.58 13.10
CA ALA B 131 -1.93 11.54 12.94
C ALA B 131 -0.92 11.01 11.93
N CYS B 132 -0.33 11.92 11.17
CA CYS B 132 0.80 11.57 10.31
C CYS B 132 1.80 12.72 10.32
N GLY B 133 2.96 12.46 9.72
CA GLY B 133 3.99 13.47 9.62
C GLY B 133 5.15 12.90 8.85
N GLY B 134 6.11 13.78 8.54
CA GLY B 134 7.27 13.36 7.78
C GLY B 134 8.22 14.47 7.40
N LEU B 135 8.64 14.48 6.13
CA LEU B 135 9.62 15.43 5.63
C LEU B 135 9.07 16.84 5.50
N ASP B 136 7.78 17.05 5.71
CA ASP B 136 7.20 18.38 5.69
C ASP B 136 7.32 19.10 7.02
N ASN B 137 7.84 18.43 8.04
CA ASN B 137 8.07 19.01 9.37
C ASN B 137 6.76 19.42 10.05
N ILE B 138 5.66 18.76 9.72
CA ILE B 138 4.34 19.10 10.24
C ILE B 138 3.64 17.83 10.69
N CYS B 139 2.94 17.90 11.81
CA CYS B 139 2.10 16.80 12.28
C CYS B 139 0.65 17.09 11.93
N SER B 140 0.04 16.24 11.13
CA SER B 140 -1.33 16.41 10.70
C SER B 140 -2.25 15.51 11.52
N ILE B 141 -3.25 16.12 12.14
CA ILE B 141 -4.28 15.43 12.92
C ILE B 141 -5.57 15.46 12.12
N TYR B 142 -6.08 14.27 11.79
CA TYR B 142 -7.31 14.08 11.03
C TYR B 142 -8.41 13.58 11.94
N ASN B 143 -9.60 14.16 11.77
CA ASN B 143 -10.80 13.77 12.52
C ASN B 143 -11.51 12.67 11.76
N LEU B 144 -11.57 11.48 12.35
CA LEU B 144 -12.17 10.32 11.69
C LEU B 144 -13.68 10.29 11.78
N LYS B 145 -14.29 11.08 12.65
CA LYS B 145 -15.72 11.00 12.94
C LYS B 145 -16.33 12.39 12.81
N THR B 146 -16.89 12.68 11.65
CA THR B 146 -17.51 13.96 11.36
C THR B 146 -18.92 13.73 10.84
N ARG B 147 -19.76 14.76 10.98
CA ARG B 147 -21.11 14.68 10.42
C ARG B 147 -21.07 14.51 8.92
N GLU B 148 -20.18 15.23 8.25
CA GLU B 148 -19.83 14.90 6.87
C GLU B 148 -19.13 13.56 6.85
N GLY B 149 -19.42 12.76 5.84
CA GLY B 149 -18.90 11.40 5.80
C GLY B 149 -17.43 11.28 5.48
N ASN B 150 -16.74 12.37 5.22
CA ASN B 150 -15.34 12.32 4.85
C ASN B 150 -14.45 12.47 6.08
N VAL B 151 -13.16 12.20 5.87
CA VAL B 151 -12.13 12.44 6.88
C VAL B 151 -11.40 13.72 6.49
N ARG B 152 -11.34 14.67 7.42
CA ARG B 152 -10.80 15.99 7.13
C ARG B 152 -9.70 16.34 8.11
N VAL B 153 -8.77 17.17 7.66
CA VAL B 153 -7.66 17.61 8.49
C VAL B 153 -8.20 18.52 9.57
N SER B 154 -8.01 18.13 10.83
CA SER B 154 -8.46 18.95 11.94
C SER B 154 -7.39 19.88 12.45
N ARG B 155 -6.11 19.50 12.31
CA ARG B 155 -5.06 20.36 12.83
C ARG B 155 -3.75 20.09 12.08
N GLU B 156 -2.99 21.14 11.84
CA GLU B 156 -1.61 21.02 11.37
C GLU B 156 -0.70 21.68 12.39
N LEU B 157 0.18 20.89 13.00
CA LEU B 157 1.09 21.35 14.03
C LEU B 157 2.46 21.57 13.38
N ALA B 158 2.90 22.83 13.35
CA ALA B 158 4.13 23.23 12.65
C ALA B 158 4.99 24.03 13.60
N GLY B 159 5.90 23.35 14.29
CA GLY B 159 6.88 24.03 15.11
C GLY B 159 8.26 23.41 15.01
N HIS B 160 8.37 22.29 14.30
CA HIS B 160 9.63 21.58 14.19
C HIS B 160 10.42 22.06 12.99
N THR B 161 11.74 22.13 13.15
CA THR B 161 12.65 22.47 12.08
C THR B 161 13.25 21.24 11.41
N GLY B 162 12.84 20.03 11.82
CA GLY B 162 13.31 18.82 11.21
C GLY B 162 12.16 17.85 11.00
N TYR B 163 12.44 16.78 10.27
CA TYR B 163 11.40 15.82 9.93
C TYR B 163 10.89 15.11 11.17
N LEU B 164 9.59 14.86 11.22
CA LEU B 164 8.99 14.10 12.30
C LEU B 164 9.20 12.61 12.07
N SER B 165 9.67 11.92 13.11
CA SER B 165 9.95 10.50 13.04
C SER B 165 8.98 9.64 13.83
N CYS B 166 8.20 10.24 14.73
CA CYS B 166 7.22 9.48 15.49
C CYS B 166 6.26 10.44 16.16
N CYS B 167 5.00 10.03 16.25
CA CYS B 167 3.96 10.78 16.95
C CYS B 167 3.12 9.80 17.74
N ARG B 168 2.71 10.20 18.94
CA ARG B 168 1.95 9.33 19.83
C ARG B 168 0.94 10.16 20.60
N PHE B 169 -0.33 9.77 20.53
CA PHE B 169 -1.38 10.48 21.25
C PHE B 169 -1.32 10.17 22.73
N LEU B 170 -1.35 11.21 23.57
CA LEU B 170 -1.62 11.01 24.98
C LEU B 170 -3.12 10.88 25.24
N ASP B 171 -3.90 11.77 24.62
CA ASP B 171 -5.35 11.76 24.68
C ASP B 171 -5.86 12.43 23.41
N ASP B 172 -7.13 12.80 23.40
CA ASP B 172 -7.70 13.45 22.23
C ASP B 172 -7.19 14.88 22.04
N ASN B 173 -6.47 15.44 23.00
CA ASN B 173 -6.00 16.82 22.91
C ASN B 173 -4.49 16.98 23.02
N GLN B 174 -3.78 15.99 23.57
CA GLN B 174 -2.33 16.07 23.72
C GLN B 174 -1.65 15.02 22.85
N ILE B 175 -0.64 15.45 22.11
CA ILE B 175 0.15 14.56 21.27
C ILE B 175 1.63 14.85 21.49
N VAL B 176 2.45 13.80 21.53
CA VAL B 176 3.89 13.92 21.66
C VAL B 176 4.53 13.53 20.35
N THR B 177 5.44 14.37 19.86
CA THR B 177 6.12 14.15 18.59
C THR B 177 7.63 14.18 18.82
N SER B 178 8.35 13.42 18.01
CA SER B 178 9.81 13.44 18.00
C SER B 178 10.28 13.81 16.62
N SER B 179 11.32 14.62 16.53
CA SER B 179 11.74 15.12 15.23
C SER B 179 13.23 14.93 15.01
N GLY B 180 13.63 15.06 13.76
CA GLY B 180 15.01 15.05 13.33
C GLY B 180 15.74 16.36 13.57
N ASP B 181 15.11 17.28 14.30
CA ASP B 181 15.76 18.50 14.75
C ASP B 181 16.30 18.39 16.17
N THR B 182 16.48 17.16 16.66
CA THR B 182 17.03 16.89 17.99
C THR B 182 16.10 17.43 19.07
N THR B 183 14.80 17.10 18.97
CA THR B 183 13.81 17.70 19.84
C THR B 183 12.53 16.87 19.83
N CYS B 184 11.95 16.69 21.02
CA CYS B 184 10.59 16.20 21.16
C CYS B 184 9.69 17.34 21.61
N ALA B 185 8.40 17.20 21.33
CA ALA B 185 7.45 18.27 21.62
C ALA B 185 6.14 17.67 22.13
N LEU B 186 5.66 18.21 23.23
CA LEU B 186 4.31 17.92 23.74
C LEU B 186 3.40 19.07 23.34
N TRP B 187 2.39 18.77 22.53
CA TRP B 187 1.54 19.76 21.89
C TRP B 187 0.20 19.87 22.60
N ASP B 188 -0.54 20.91 22.22
CA ASP B 188 -1.95 21.09 22.58
C ASP B 188 -2.71 21.24 21.28
N ILE B 189 -3.51 20.22 20.94
CA ILE B 189 -4.09 20.15 19.60
C ILE B 189 -5.11 21.26 19.39
N GLU B 190 -5.89 21.61 20.41
CA GLU B 190 -6.90 22.64 20.26
C GLU B 190 -6.27 23.99 19.93
N THR B 191 -5.29 24.42 20.72
CA THR B 191 -4.62 25.69 20.47
C THR B 191 -3.61 25.63 19.35
N GLY B 192 -3.11 24.43 19.03
CA GLY B 192 -2.11 24.28 18.00
C GLY B 192 -0.69 24.58 18.42
N GLN B 193 -0.48 24.95 19.68
CA GLN B 193 0.83 25.32 20.19
C GLN B 193 1.43 24.19 21.00
N GLN B 194 2.75 24.05 20.90
CA GLN B 194 3.46 23.05 21.67
C GLN B 194 3.61 23.52 23.12
N THR B 195 3.08 22.74 24.05
CA THR B 195 3.12 23.15 25.44
C THR B 195 4.50 22.97 26.05
N THR B 196 5.18 21.87 25.73
CA THR B 196 6.49 21.59 26.30
C THR B 196 7.46 21.15 25.21
N THR B 197 8.72 21.51 25.38
CA THR B 197 9.77 21.15 24.45
C THR B 197 10.86 20.37 25.19
N PHE B 198 11.12 19.15 24.75
CA PHE B 198 12.14 18.28 25.34
C PHE B 198 13.38 18.35 24.46
N THR B 199 14.45 18.93 24.99
CA THR B 199 15.69 19.13 24.23
C THR B 199 16.86 18.75 25.13
N GLY B 200 17.33 17.53 25.00
CA GLY B 200 18.56 17.12 25.66
C GLY B 200 19.44 16.26 24.78
N HIS B 201 18.92 15.88 23.61
CA HIS B 201 19.62 14.96 22.73
C HIS B 201 20.72 15.68 21.97
N THR B 202 21.42 14.93 21.13
CA THR B 202 22.44 15.46 20.25
C THR B 202 22.18 15.17 18.78
N GLY B 203 21.65 13.99 18.45
CA GLY B 203 21.32 13.65 17.09
C GLY B 203 19.83 13.62 16.83
N ASP B 204 19.42 12.90 15.78
CA ASP B 204 18.03 12.88 15.37
C ASP B 204 17.26 11.85 16.17
N VAL B 205 16.15 12.25 16.77
CA VAL B 205 15.30 11.32 17.50
C VAL B 205 14.46 10.54 16.50
N MET B 206 14.53 9.21 16.58
CA MET B 206 13.94 8.35 15.57
C MET B 206 12.71 7.59 16.04
N SER B 207 12.49 7.49 17.36
CA SER B 207 11.40 6.67 17.86
C SER B 207 10.91 7.22 19.21
N LEU B 208 9.64 6.98 19.49
CA LEU B 208 9.01 7.37 20.75
C LEU B 208 8.24 6.18 21.31
N SER B 209 8.08 6.17 22.63
CA SER B 209 7.27 5.15 23.27
C SER B 209 6.64 5.75 24.52
N LEU B 210 5.32 5.64 24.63
CA LEU B 210 4.60 6.13 25.81
C LEU B 210 4.47 5.03 26.84
N ALA B 211 4.59 5.41 28.11
CA ALA B 211 4.37 4.48 29.19
C ALA B 211 2.88 4.20 29.35
N PRO B 212 2.52 3.05 29.93
CA PRO B 212 1.09 2.75 30.14
C PRO B 212 0.36 3.78 30.98
N ASP B 213 1.04 4.38 31.96
CA ASP B 213 0.41 5.35 32.84
C ASP B 213 0.39 6.76 32.27
N THR B 214 0.94 6.97 31.08
CA THR B 214 0.91 8.22 30.32
C THR B 214 1.74 9.32 30.98
N ARG B 215 2.31 9.08 32.16
CA ARG B 215 3.00 10.14 32.89
C ARG B 215 4.42 10.39 32.42
N LEU B 216 4.99 9.50 31.60
CA LEU B 216 6.36 9.66 31.14
C LEU B 216 6.56 8.84 29.89
N PHE B 217 7.61 9.20 29.12
CA PHE B 217 7.90 8.47 27.89
C PHE B 217 9.41 8.36 27.70
N VAL B 218 9.80 7.61 26.67
CA VAL B 218 11.21 7.38 26.34
C VAL B 218 11.44 7.72 24.88
N SER B 219 12.59 8.31 24.60
CA SER B 219 12.97 8.69 23.24
C SER B 219 14.34 8.12 22.91
N GLY B 220 14.47 7.57 21.71
CA GLY B 220 15.74 7.07 21.21
C GLY B 220 16.19 7.90 20.02
N ALA B 221 17.47 8.24 19.98
CA ALA B 221 17.99 9.19 19.02
C ALA B 221 19.17 8.60 18.26
N CYS B 222 19.63 9.36 17.27
CA CYS B 222 20.77 8.97 16.43
C CYS B 222 22.11 9.21 17.11
N ASP B 223 22.12 9.53 18.40
CA ASP B 223 23.36 9.64 19.16
C ASP B 223 23.61 8.42 20.04
N ALA B 224 22.96 7.30 19.74
CA ALA B 224 23.10 6.06 20.48
C ALA B 224 22.78 6.25 21.96
N SER B 225 21.72 7.00 22.23
CA SER B 225 21.27 7.25 23.60
C SER B 225 19.75 7.17 23.66
N ALA B 226 19.24 6.77 24.82
CA ALA B 226 17.83 6.80 25.12
C ALA B 226 17.60 7.68 26.32
N LYS B 227 16.47 8.36 26.35
CA LYS B 227 16.20 9.32 27.42
C LYS B 227 14.78 9.13 27.95
N LEU B 228 14.63 9.31 29.26
CA LEU B 228 13.37 9.18 29.96
C LEU B 228 12.85 10.58 30.28
N TRP B 229 11.78 10.97 29.62
CA TRP B 229 11.21 12.30 29.74
C TRP B 229 9.96 12.27 30.62
N ASP B 230 9.89 13.20 31.56
CA ASP B 230 8.69 13.45 32.36
C ASP B 230 7.79 14.40 31.59
N VAL B 231 6.55 13.98 31.34
CA VAL B 231 5.64 14.76 30.51
C VAL B 231 5.23 16.04 31.22
N ARG B 232 4.84 15.92 32.48
CA ARG B 232 4.26 17.07 33.18
C ARG B 232 5.31 18.11 33.54
N GLU B 233 6.51 17.66 33.93
CA GLU B 233 7.55 18.61 34.30
C GLU B 233 8.28 19.15 33.08
N GLY B 234 8.66 18.26 32.16
CA GLY B 234 9.33 18.65 30.94
C GLY B 234 10.82 18.51 30.94
N MET B 235 11.38 17.63 31.78
CA MET B 235 12.82 17.49 31.89
C MET B 235 13.21 16.02 31.77
N CYS B 236 14.51 15.79 31.62
CA CYS B 236 15.04 14.45 31.42
C CYS B 236 15.36 13.81 32.77
N ARG B 237 14.72 12.68 33.05
CA ARG B 237 15.00 11.95 34.28
C ARG B 237 16.29 11.15 34.18
N GLN B 238 16.37 10.24 33.21
CA GLN B 238 17.50 9.33 33.09
C GLN B 238 17.94 9.23 31.65
N THR B 239 19.21 8.88 31.46
CA THR B 239 19.78 8.63 30.15
C THR B 239 20.44 7.25 30.13
N PHE B 240 20.24 6.52 29.04
CA PHE B 240 20.73 5.17 28.87
C PHE B 240 21.63 5.13 27.66
N THR B 241 22.86 4.63 27.84
CA THR B 241 23.87 4.61 26.79
C THR B 241 24.54 3.24 26.78
N GLY B 242 24.09 2.36 25.89
CA GLY B 242 24.73 1.09 25.72
C GLY B 242 24.86 0.65 24.28
N HIS B 243 24.30 1.43 23.36
CA HIS B 243 24.28 1.08 21.96
C HIS B 243 25.51 1.62 21.25
N GLU B 244 25.78 1.06 20.07
CA GLU B 244 26.94 1.46 19.27
C GLU B 244 26.57 2.23 18.01
N SER B 245 25.29 2.38 17.70
CA SER B 245 24.88 3.06 16.48
C SER B 245 23.52 3.72 16.71
N ASP B 246 22.87 4.11 15.63
CA ASP B 246 21.61 4.83 15.71
C ASP B 246 20.53 3.94 16.31
N ILE B 247 19.76 4.49 17.24
CA ILE B 247 18.59 3.82 17.78
C ILE B 247 17.39 4.16 16.90
N ASN B 248 16.77 3.13 16.32
CA ASN B 248 15.67 3.31 15.39
C ASN B 248 14.30 3.00 15.98
N ALA B 249 14.24 2.12 16.98
CA ALA B 249 12.96 1.72 17.56
C ALA B 249 13.09 1.66 19.07
N ILE B 250 11.95 1.83 19.75
CA ILE B 250 11.91 1.81 21.21
C ILE B 250 10.51 1.38 21.63
N CYS B 251 10.44 0.69 22.78
CA CYS B 251 9.16 0.16 23.25
C CYS B 251 9.25 -0.13 24.73
N PHE B 252 8.25 0.34 25.49
CA PHE B 252 8.11 -0.05 26.89
C PHE B 252 7.74 -1.51 27.07
N PHE B 253 8.26 -2.08 28.15
CA PHE B 253 7.72 -3.30 28.71
C PHE B 253 6.30 -3.02 29.20
N PRO B 254 5.41 -4.01 29.17
CA PRO B 254 4.02 -3.76 29.60
C PRO B 254 3.90 -3.30 31.04
N ASN B 255 4.87 -3.63 31.89
CA ASN B 255 4.83 -3.16 33.27
C ASN B 255 5.08 -1.66 33.35
N GLY B 256 5.82 -1.10 32.40
CA GLY B 256 6.22 0.29 32.47
C GLY B 256 7.47 0.56 33.27
N ASN B 257 8.20 -0.49 33.65
CA ASN B 257 9.44 -0.35 34.42
C ASN B 257 10.67 -0.80 33.64
N ALA B 258 10.50 -1.07 32.34
CA ALA B 258 11.60 -1.48 31.49
C ALA B 258 11.24 -1.14 30.05
N PHE B 259 12.25 -1.11 29.19
CA PHE B 259 11.98 -0.84 27.79
C PHE B 259 13.06 -1.47 26.91
N ALA B 260 12.69 -1.79 25.68
CA ALA B 260 13.58 -2.41 24.72
C ALA B 260 13.86 -1.45 23.57
N THR B 261 15.10 -1.48 23.10
CA THR B 261 15.55 -0.61 22.03
C THR B 261 16.15 -1.43 20.90
N GLY B 262 16.02 -0.94 19.68
CA GLY B 262 16.63 -1.56 18.53
C GLY B 262 17.49 -0.55 17.79
N SER B 263 18.59 -1.03 17.23
CA SER B 263 19.60 -0.15 16.69
C SER B 263 20.15 -0.70 15.38
N ASP B 264 20.86 0.17 14.66
CA ASP B 264 21.49 -0.20 13.40
C ASP B 264 22.67 -1.15 13.59
N ASP B 265 23.13 -1.36 14.82
CA ASP B 265 24.22 -2.28 15.10
C ASP B 265 23.75 -3.72 15.29
N ALA B 266 22.56 -4.05 14.78
CA ALA B 266 22.03 -5.42 14.76
C ALA B 266 21.84 -5.97 16.17
N THR B 267 21.50 -5.12 17.14
CA THR B 267 21.28 -5.56 18.51
C THR B 267 20.01 -4.93 19.07
N CYS B 268 19.26 -5.72 19.83
CA CYS B 268 18.21 -5.21 20.68
C CYS B 268 18.70 -5.18 22.12
N ARG B 269 18.10 -4.33 22.93
CA ARG B 269 18.62 -4.11 24.27
C ARG B 269 17.49 -3.87 25.25
N LEU B 270 17.60 -4.46 26.44
CA LEU B 270 16.61 -4.28 27.49
C LEU B 270 17.21 -3.42 28.60
N PHE B 271 16.56 -2.30 28.89
CA PHE B 271 17.00 -1.38 29.94
C PHE B 271 15.93 -1.33 31.03
N ASP B 272 16.39 -1.36 32.28
CA ASP B 272 15.50 -1.21 33.43
C ASP B 272 15.54 0.21 33.95
N LEU B 273 14.37 0.76 34.26
CA LEU B 273 14.28 2.12 34.74
C LEU B 273 14.81 2.26 36.17
N ARG B 274 14.39 1.36 37.06
CA ARG B 274 14.74 1.49 38.46
C ARG B 274 16.19 1.11 38.72
N ALA B 275 16.69 0.07 38.06
CA ALA B 275 18.11 -0.25 38.15
C ALA B 275 18.97 0.70 37.33
N ASP B 276 18.41 1.28 36.27
CA ASP B 276 19.06 2.30 35.46
C ASP B 276 20.33 1.74 34.81
N GLN B 277 20.16 0.69 34.01
CA GLN B 277 21.25 0.13 33.23
C GLN B 277 20.70 -0.91 32.26
N GLU B 278 21.61 -1.47 31.47
CA GLU B 278 21.30 -2.60 30.61
C GLU B 278 20.90 -3.82 31.43
N LEU B 279 19.97 -4.60 30.88
CA LEU B 279 19.65 -5.90 31.42
C LEU B 279 20.17 -7.02 30.54
N MET B 280 19.75 -7.08 29.28
CA MET B 280 20.21 -8.11 28.37
C MET B 280 20.32 -7.54 26.95
N THR B 281 21.14 -8.20 26.15
CA THR B 281 21.33 -7.89 24.74
C THR B 281 20.80 -9.04 23.90
N TYR B 282 20.06 -8.70 22.86
CA TYR B 282 19.49 -9.67 21.92
C TYR B 282 20.21 -9.49 20.60
N SER B 283 21.19 -10.36 20.34
CA SER B 283 21.99 -10.27 19.14
C SER B 283 22.40 -11.67 18.71
N HIS B 284 22.61 -11.83 17.41
CA HIS B 284 23.06 -13.10 16.84
C HIS B 284 24.12 -12.82 15.79
N ASP B 285 25.10 -13.71 15.71
CA ASP B 285 26.19 -13.54 14.74
C ASP B 285 25.71 -13.67 13.30
N ASN B 286 24.57 -14.31 13.07
CA ASN B 286 24.00 -14.41 11.74
C ASN B 286 23.19 -13.19 11.35
N ILE B 287 23.06 -12.21 12.24
CA ILE B 287 22.32 -10.99 11.98
C ILE B 287 23.32 -9.84 11.90
N ILE B 288 23.37 -9.19 10.75
CA ILE B 288 24.24 -8.03 10.55
C ILE B 288 23.49 -6.79 10.12
N CYS B 289 22.23 -6.91 9.74
CA CYS B 289 21.41 -5.78 9.31
C CYS B 289 20.84 -5.05 10.53
N GLY B 290 20.38 -3.83 10.28
CA GLY B 290 19.82 -3.02 11.34
C GLY B 290 18.39 -3.40 11.68
N ILE B 291 17.93 -2.86 12.80
CA ILE B 291 16.59 -3.12 13.32
C ILE B 291 15.73 -1.89 13.10
N THR B 292 14.55 -2.09 12.53
CA THR B 292 13.63 -1.00 12.24
C THR B 292 12.46 -0.91 13.20
N SER B 293 12.16 -1.98 13.94
CA SER B 293 10.99 -1.99 14.81
C SER B 293 11.20 -2.97 15.94
N VAL B 294 10.65 -2.63 17.10
CA VAL B 294 10.62 -3.53 18.25
C VAL B 294 9.22 -3.48 18.85
N SER B 295 8.74 -4.63 19.33
CA SER B 295 7.47 -4.68 20.03
C SER B 295 7.54 -5.80 21.06
N PHE B 296 6.63 -5.73 22.03
CA PHE B 296 6.57 -6.67 23.13
C PHE B 296 5.25 -7.43 23.08
N SER B 297 5.29 -8.68 23.53
CA SER B 297 4.07 -9.45 23.70
C SER B 297 3.26 -8.88 24.86
N LYS B 298 2.00 -9.30 24.94
CA LYS B 298 1.11 -8.77 25.98
C LYS B 298 1.64 -9.08 27.36
N SER B 299 2.16 -10.30 27.57
CA SER B 299 2.75 -10.65 28.84
C SER B 299 4.18 -10.15 29.00
N GLY B 300 4.82 -9.74 27.91
CA GLY B 300 6.20 -9.32 27.94
C GLY B 300 7.22 -10.42 27.83
N ARG B 301 6.79 -11.67 27.64
CA ARG B 301 7.74 -12.77 27.52
C ARG B 301 8.44 -12.78 26.17
N LEU B 302 7.75 -12.38 25.11
CA LEU B 302 8.33 -12.33 23.77
C LEU B 302 8.72 -10.90 23.41
N LEU B 303 9.77 -10.79 22.60
CA LEU B 303 10.20 -9.52 22.05
C LEU B 303 10.30 -9.69 20.54
N LEU B 304 9.48 -8.94 19.80
CA LEU B 304 9.44 -9.05 18.35
C LEU B 304 10.19 -7.88 17.74
N ALA B 305 11.17 -8.17 16.90
CA ALA B 305 12.00 -7.15 16.27
C ALA B 305 11.97 -7.32 14.76
N GLY B 306 11.73 -6.22 14.05
CA GLY B 306 11.77 -6.23 12.60
C GLY B 306 13.14 -5.79 12.10
N TYR B 307 13.59 -6.44 11.03
CA TYR B 307 14.98 -6.33 10.59
C TYR B 307 15.02 -5.89 9.13
N ASP B 308 16.22 -5.46 8.72
CA ASP B 308 16.46 -5.08 7.33
C ASP B 308 16.63 -6.29 6.42
N ASP B 309 16.86 -7.49 6.97
CA ASP B 309 17.11 -8.66 6.16
C ASP B 309 15.80 -9.33 5.75
N PHE B 310 14.73 -8.54 5.72
CA PHE B 310 13.42 -8.82 5.14
C PHE B 310 12.50 -9.64 6.04
N ASN B 311 12.86 -9.92 7.29
CA ASN B 311 12.00 -10.74 8.13
C ASN B 311 12.08 -10.25 9.58
N CYS B 312 11.15 -10.78 10.38
CA CYS B 312 11.05 -10.45 11.80
C CYS B 312 11.57 -11.60 12.65
N ASN B 313 12.04 -11.28 13.85
CA ASN B 313 12.54 -12.28 14.77
C ASN B 313 11.84 -12.15 16.11
N VAL B 314 11.45 -13.28 16.67
CA VAL B 314 10.75 -13.35 17.95
C VAL B 314 11.72 -13.96 18.96
N TRP B 315 12.14 -13.16 19.93
CA TRP B 315 13.08 -13.52 20.97
C TRP B 315 12.35 -13.82 22.27
N ASP B 316 12.97 -14.65 23.09
CA ASP B 316 12.52 -14.85 24.46
C ASP B 316 13.13 -13.74 25.32
N ALA B 317 12.30 -12.78 25.73
CA ALA B 317 12.79 -11.59 26.40
C ALA B 317 13.47 -11.89 27.73
N LEU B 318 13.25 -13.06 28.31
CA LEU B 318 13.85 -13.39 29.59
C LEU B 318 15.11 -14.25 29.47
N LYS B 319 15.42 -14.74 28.28
CA LYS B 319 16.59 -15.59 28.08
C LYS B 319 17.44 -15.23 26.87
N ALA B 320 16.99 -14.30 26.02
CA ALA B 320 17.71 -13.87 24.83
C ALA B 320 18.06 -15.05 23.93
N ASP B 321 17.03 -15.79 23.53
CA ASP B 321 17.16 -16.83 22.54
C ASP B 321 16.05 -16.69 21.52
N ARG B 322 16.36 -17.02 20.28
CA ARG B 322 15.43 -16.80 19.18
C ARG B 322 14.36 -17.86 19.22
N ALA B 323 13.15 -17.47 19.63
CA ALA B 323 12.03 -18.39 19.67
C ALA B 323 11.48 -18.66 18.28
N GLY B 324 11.51 -17.68 17.39
CA GLY B 324 10.96 -17.91 16.07
C GLY B 324 11.36 -16.85 15.07
N VAL B 325 10.99 -17.10 13.82
CA VAL B 325 11.26 -16.20 12.71
C VAL B 325 9.97 -16.02 11.92
N LEU B 326 9.59 -14.77 11.70
CA LEU B 326 8.43 -14.41 10.88
C LEU B 326 8.97 -13.99 9.52
N ALA B 327 8.99 -14.94 8.59
CA ALA B 327 9.39 -14.68 7.22
C ALA B 327 8.16 -14.63 6.33
N GLY B 328 8.29 -13.93 5.21
CA GLY B 328 7.13 -13.68 4.37
C GLY B 328 7.11 -12.32 3.72
N HIS B 329 8.12 -11.51 3.97
CA HIS B 329 8.24 -10.20 3.33
C HIS B 329 9.40 -10.21 2.34
N ASP B 330 9.18 -9.56 1.20
CA ASP B 330 10.16 -9.53 0.11
C ASP B 330 11.09 -8.33 0.19
N ASN B 331 10.82 -7.38 1.08
CA ASN B 331 11.67 -6.22 1.25
C ASN B 331 11.78 -5.92 2.74
N ARG B 332 12.34 -4.76 3.07
CA ARG B 332 12.65 -4.42 4.45
C ARG B 332 11.39 -4.26 5.28
N VAL B 333 11.41 -4.86 6.48
CA VAL B 333 10.31 -4.70 7.43
C VAL B 333 10.49 -3.37 8.15
N SER B 334 9.52 -2.48 7.99
CA SER B 334 9.63 -1.13 8.52
C SER B 334 8.92 -0.92 9.85
N CYS B 335 7.81 -1.61 10.07
CA CYS B 335 6.97 -1.36 11.22
C CYS B 335 6.27 -2.64 11.64
N LEU B 336 6.07 -2.80 12.94
CA LEU B 336 5.28 -3.93 13.43
C LEU B 336 4.71 -3.56 14.78
N GLY B 337 3.55 -4.13 15.08
CA GLY B 337 2.85 -3.83 16.31
C GLY B 337 2.01 -5.00 16.77
N VAL B 338 1.89 -5.11 18.10
CA VAL B 338 1.10 -6.16 18.74
C VAL B 338 -0.18 -5.54 19.28
N THR B 339 -1.31 -6.22 19.06
CA THR B 339 -2.59 -5.71 19.51
C THR B 339 -2.64 -5.60 21.03
N ASP B 340 -3.63 -4.85 21.52
CA ASP B 340 -3.77 -4.66 22.95
C ASP B 340 -4.21 -5.94 23.67
N ASP B 341 -4.88 -6.85 22.98
CA ASP B 341 -5.27 -8.13 23.57
C ASP B 341 -4.26 -9.23 23.30
N GLY B 342 -3.16 -8.93 22.61
CA GLY B 342 -2.12 -9.92 22.38
C GLY B 342 -2.46 -10.99 21.39
N MET B 343 -3.54 -10.83 20.62
CA MET B 343 -3.97 -11.90 19.71
C MET B 343 -3.07 -11.99 18.49
N ALA B 344 -2.68 -10.87 17.91
CA ALA B 344 -2.02 -10.88 16.61
C ALA B 344 -0.91 -9.83 16.56
N VAL B 345 -0.01 -10.03 15.60
CA VAL B 345 1.04 -9.07 15.27
C VAL B 345 0.81 -8.60 13.85
N ALA B 346 1.07 -7.33 13.58
CA ALA B 346 0.98 -6.81 12.23
C ALA B 346 2.32 -6.24 11.81
N THR B 347 2.81 -6.69 10.67
CA THR B 347 4.10 -6.26 10.12
C THR B 347 3.89 -5.65 8.75
N GLY B 348 4.42 -4.45 8.56
CA GLY B 348 4.48 -3.82 7.25
C GLY B 348 5.90 -3.82 6.73
N SER B 349 6.02 -3.61 5.42
CA SER B 349 7.32 -3.70 4.78
C SER B 349 7.36 -2.77 3.56
N TRP B 350 8.55 -2.66 2.98
CA TRP B 350 8.74 -1.87 1.78
C TRP B 350 8.16 -2.53 0.54
N ASP B 351 7.73 -3.79 0.66
CA ASP B 351 7.10 -4.50 -0.45
C ASP B 351 5.62 -4.14 -0.62
N SER B 352 5.15 -3.13 0.12
CA SER B 352 3.78 -2.61 0.04
C SER B 352 2.73 -3.56 0.58
N PHE B 353 3.10 -4.46 1.50
CA PHE B 353 2.16 -5.42 2.06
C PHE B 353 2.19 -5.37 3.58
N LEU B 354 1.01 -5.45 4.18
CA LEU B 354 0.84 -5.67 5.60
C LEU B 354 0.42 -7.11 5.84
N LYS B 355 0.98 -7.73 6.86
CA LYS B 355 0.67 -9.12 7.18
C LYS B 355 0.35 -9.25 8.66
N ILE B 356 -0.67 -10.05 8.96
CA ILE B 356 -1.12 -10.29 10.33
C ILE B 356 -0.77 -11.73 10.69
N TRP B 357 -0.14 -11.91 11.85
CA TRP B 357 0.37 -13.18 12.31
C TRP B 357 -0.27 -13.54 13.64
N ASN B 358 -0.46 -14.82 13.86
CA ASN B 358 -1.13 -15.30 15.06
C ASN B 358 -0.54 -16.63 15.52
N SER C 8 28.82 27.70 24.55
CA SER C 8 30.05 27.15 25.11
C SER C 8 29.93 26.96 26.62
N ILE C 9 30.05 28.06 27.37
CA ILE C 9 29.92 27.99 28.82
C ILE C 9 28.50 27.59 29.22
N ALA C 10 27.50 28.17 28.55
CA ALA C 10 26.11 27.87 28.90
C ALA C 10 25.78 26.40 28.66
N GLN C 11 26.21 25.86 27.51
CA GLN C 11 25.93 24.46 27.23
C GLN C 11 26.60 23.54 28.23
N ALA C 12 27.86 23.84 28.58
CA ALA C 12 28.56 23.01 29.56
C ALA C 12 27.90 23.08 30.93
N ARG C 13 27.47 24.27 31.33
CA ARG C 13 26.79 24.39 32.62
C ARG C 13 25.46 23.64 32.63
N LYS C 14 24.70 23.72 31.54
CA LYS C 14 23.46 22.97 31.45
C LYS C 14 23.71 21.46 31.50
N LEU C 15 24.76 21.00 30.82
CA LEU C 15 25.10 19.58 30.85
C LEU C 15 25.49 19.14 32.25
N VAL C 16 26.25 19.98 32.96
CA VAL C 16 26.63 19.65 34.33
C VAL C 16 25.40 19.56 35.22
N GLU C 17 24.46 20.51 35.07
CA GLU C 17 23.24 20.47 35.86
C GLU C 17 22.44 19.21 35.57
N GLN C 18 22.32 18.83 34.30
CA GLN C 18 21.60 17.62 33.94
C GLN C 18 22.26 16.37 34.53
N LEU C 19 23.60 16.30 34.44
CA LEU C 19 24.29 15.16 35.01
C LEU C 19 24.12 15.10 36.53
N LYS C 20 24.12 16.26 37.18
CA LYS C 20 23.90 16.29 38.62
C LYS C 20 22.51 15.80 38.98
N MET C 21 21.51 16.19 38.18
CA MET C 21 20.15 15.69 38.42
C MET C 21 20.07 14.18 38.19
N GLU C 22 20.76 13.67 37.17
CA GLU C 22 20.71 12.25 36.88
C GLU C 22 21.43 11.42 37.94
N ALA C 23 22.51 11.95 38.51
CA ALA C 23 23.30 11.18 39.47
C ALA C 23 22.52 10.90 40.76
N ASN C 24 21.76 11.87 41.24
CA ASN C 24 21.03 11.72 42.51
C ASN C 24 19.68 11.05 42.25
N ILE C 25 19.75 9.76 41.94
CA ILE C 25 18.59 8.93 41.68
C ILE C 25 18.75 7.62 42.44
N ASP C 26 17.71 7.24 43.19
CA ASP C 26 17.76 5.99 43.94
C ASP C 26 17.70 4.81 42.98
N ARG C 27 18.59 3.85 43.18
CA ARG C 27 18.72 2.70 42.30
C ARG C 27 18.52 1.41 43.07
N ILE C 28 17.77 0.49 42.47
CA ILE C 28 17.56 -0.82 43.03
C ILE C 28 18.49 -1.81 42.32
N LYS C 29 18.64 -2.98 42.90
CA LYS C 29 19.55 -3.97 42.35
C LYS C 29 18.98 -4.58 41.07
N VAL C 30 19.88 -5.07 40.22
CA VAL C 30 19.44 -5.74 38.99
C VAL C 30 18.70 -7.03 39.33
N SER C 31 19.06 -7.67 40.44
CA SER C 31 18.35 -8.88 40.86
C SER C 31 16.88 -8.60 41.11
N LYS C 32 16.57 -7.51 41.81
CA LYS C 32 15.18 -7.19 42.12
C LYS C 32 14.39 -6.88 40.85
N ALA C 33 14.99 -6.11 39.94
CA ALA C 33 14.29 -5.76 38.70
C ALA C 33 14.07 -6.99 37.84
N ALA C 34 15.08 -7.87 37.74
CA ALA C 34 14.91 -9.11 36.99
C ALA C 34 13.84 -9.99 37.59
N ALA C 35 13.82 -10.09 38.92
CA ALA C 35 12.79 -10.88 39.59
C ALA C 35 11.40 -10.31 39.34
N ASP C 36 11.27 -8.98 39.36
CA ASP C 36 9.98 -8.35 39.11
C ASP C 36 9.53 -8.62 37.67
N LEU C 37 10.44 -8.51 36.71
CA LEU C 37 10.09 -8.80 35.33
C LEU C 37 9.66 -10.25 35.15
N MET C 38 10.40 -11.17 35.78
CA MET C 38 10.04 -12.58 35.69
C MET C 38 8.69 -12.85 36.33
N ALA C 39 8.41 -12.21 37.47
CA ALA C 39 7.12 -12.38 38.13
C ALA C 39 5.99 -11.83 37.27
N TYR C 40 6.19 -10.69 36.62
CA TYR C 40 5.16 -10.16 35.73
C TYR C 40 4.93 -11.09 34.55
N CYS C 41 5.99 -11.64 33.98
CA CYS C 41 5.82 -12.56 32.87
C CYS C 41 5.14 -13.85 33.29
N GLU C 42 5.39 -14.31 34.52
CA GLU C 42 4.76 -15.55 34.99
C GLU C 42 3.29 -15.31 35.32
N ALA C 43 2.96 -14.18 35.96
CA ALA C 43 1.60 -13.92 36.39
C ALA C 43 0.66 -13.59 35.24
N HIS C 44 1.18 -13.36 34.04
CA HIS C 44 0.35 -13.01 32.89
C HIS C 44 0.61 -13.92 31.70
N ALA C 45 1.10 -15.13 31.94
CA ALA C 45 1.41 -16.04 30.85
C ALA C 45 0.15 -16.63 30.24
N LYS C 46 -0.85 -16.94 31.06
CA LYS C 46 -2.07 -17.56 30.54
C LYS C 46 -2.85 -16.61 29.63
N GLU C 47 -2.82 -15.31 29.93
CA GLU C 47 -3.49 -14.32 29.10
C GLU C 47 -2.55 -13.74 28.04
N ASP C 48 -1.91 -14.62 27.27
CA ASP C 48 -1.00 -14.22 26.20
C ASP C 48 -1.24 -15.13 25.00
N PRO C 49 -2.07 -14.70 24.05
CA PRO C 49 -2.38 -15.56 22.91
C PRO C 49 -1.18 -15.94 22.06
N LEU C 50 -0.19 -15.04 21.94
CA LEU C 50 0.96 -15.33 21.10
C LEU C 50 1.89 -16.35 21.71
N LEU C 51 1.93 -16.46 23.03
CA LEU C 51 2.79 -17.40 23.71
C LEU C 51 2.18 -18.80 23.75
N THR C 52 0.93 -18.89 24.22
CA THR C 52 0.18 -20.13 24.21
C THR C 52 -0.89 -20.04 23.12
N PRO C 53 -0.76 -20.77 22.02
CA PRO C 53 -1.76 -20.66 20.95
C PRO C 53 -3.15 -21.01 21.44
N VAL C 54 -4.13 -20.25 20.95
CA VAL C 54 -5.52 -20.40 21.37
C VAL C 54 -6.25 -21.27 20.35
N PRO C 55 -7.33 -21.95 20.74
CA PRO C 55 -8.10 -22.73 19.76
C PRO C 55 -8.75 -21.84 18.71
N ALA C 56 -9.04 -22.44 17.57
CA ALA C 56 -9.63 -21.71 16.46
C ALA C 56 -10.99 -21.11 16.79
N SER C 57 -11.68 -21.65 17.80
CA SER C 57 -12.96 -21.08 18.20
C SER C 57 -12.79 -19.73 18.86
N GLU C 58 -11.68 -19.51 19.56
CA GLU C 58 -11.39 -18.25 20.24
C GLU C 58 -10.41 -17.39 19.47
N ASN C 59 -10.18 -17.69 18.20
CA ASN C 59 -9.23 -16.95 17.38
C ASN C 59 -9.98 -16.10 16.35
N PRO C 60 -9.96 -14.77 16.47
CA PRO C 60 -10.64 -13.95 15.46
C PRO C 60 -10.03 -14.06 14.08
N PHE C 61 -8.73 -14.32 13.98
CA PHE C 61 -8.05 -14.40 12.69
C PHE C 61 -7.93 -15.85 12.24
N ARG C 62 -9.08 -16.46 11.98
CA ARG C 62 -9.14 -17.85 11.53
C ARG C 62 -10.43 -18.11 10.77
N VAL D 2 -25.41 20.15 7.30
CA VAL D 2 -25.87 18.85 6.82
C VAL D 2 -27.38 18.84 6.70
N GLN D 3 -27.88 18.79 5.47
CA GLN D 3 -29.32 18.68 5.28
C GLN D 3 -29.64 17.95 3.98
N LEU D 4 -30.82 17.35 3.96
CA LEU D 4 -31.37 16.67 2.79
C LEU D 4 -32.77 17.23 2.56
N VAL D 5 -32.95 18.01 1.50
CA VAL D 5 -34.19 18.72 1.26
C VAL D 5 -34.95 18.01 0.15
N GLU D 6 -36.18 17.60 0.44
CA GLU D 6 -37.02 16.88 -0.49
C GLU D 6 -37.72 17.85 -1.43
N SER D 7 -38.25 17.30 -2.54
CA SER D 7 -38.99 18.09 -3.51
C SER D 7 -39.83 17.14 -4.35
N GLY D 8 -40.94 17.66 -4.86
CA GLY D 8 -41.88 16.90 -5.66
C GLY D 8 -43.18 16.65 -4.92
N GLY D 9 -43.82 15.55 -5.29
CA GLY D 9 -45.01 15.09 -4.61
C GLY D 9 -46.23 15.94 -4.89
N GLY D 10 -47.31 15.61 -4.19
CA GLY D 10 -48.57 16.31 -4.39
C GLY D 10 -49.72 15.38 -4.70
N LEU D 11 -50.72 15.88 -5.39
CA LEU D 11 -51.91 15.10 -5.73
C LEU D 11 -51.76 14.58 -7.15
N VAL D 12 -51.97 13.29 -7.34
CA VAL D 12 -51.77 12.62 -8.63
C VAL D 12 -53.02 11.83 -8.97
N GLN D 13 -53.50 11.98 -10.19
CA GLN D 13 -54.59 11.14 -10.65
C GLN D 13 -54.12 9.70 -10.77
N PRO D 14 -54.94 8.73 -10.38
CA PRO D 14 -54.47 7.34 -10.31
C PRO D 14 -53.97 6.84 -11.67
N GLY D 15 -52.89 6.08 -11.64
CA GLY D 15 -52.27 5.57 -12.83
C GLY D 15 -51.21 6.44 -13.45
N GLY D 16 -50.81 7.53 -12.79
CA GLY D 16 -49.83 8.45 -13.33
C GLY D 16 -48.41 8.10 -12.97
N SER D 17 -47.52 9.05 -13.22
CA SER D 17 -46.10 8.90 -12.91
C SER D 17 -45.59 10.21 -12.34
N ARG D 18 -44.60 10.13 -11.44
CA ARG D 18 -44.04 11.34 -10.85
C ARG D 18 -42.63 11.06 -10.35
N LYS D 19 -41.82 12.11 -10.30
CA LYS D 19 -40.41 12.00 -9.92
C LYS D 19 -40.16 12.79 -8.66
N LEU D 20 -39.96 12.10 -7.55
CA LEU D 20 -39.55 12.72 -6.30
C LEU D 20 -38.04 12.94 -6.31
N SER D 21 -37.61 14.08 -5.76
CA SER D 21 -36.21 14.45 -5.74
C SER D 21 -35.79 14.77 -4.30
N CYS D 22 -34.49 14.61 -4.04
CA CYS D 22 -33.91 15.01 -2.76
C CYS D 22 -32.53 15.58 -3.02
N SER D 23 -32.33 16.84 -2.66
CA SER D 23 -31.06 17.52 -2.81
C SER D 23 -30.28 17.47 -1.50
N ALA D 24 -29.03 17.01 -1.58
CA ALA D 24 -28.15 16.97 -0.42
C ALA D 24 -27.30 18.23 -0.37
N SER D 25 -27.08 18.74 0.84
CA SER D 25 -26.19 19.89 1.00
C SER D 25 -25.63 19.85 2.41
N GLY D 26 -24.34 19.51 2.52
CA GLY D 26 -23.67 19.55 3.81
C GLY D 26 -22.81 18.35 4.11
N PHE D 27 -22.78 17.36 3.21
CA PHE D 27 -21.99 16.16 3.45
C PHE D 27 -21.59 15.53 2.12
N ALA D 28 -20.66 14.59 2.20
CA ALA D 28 -20.12 13.90 1.03
C ALA D 28 -21.14 12.90 0.53
N PHE D 29 -22.01 13.35 -0.37
CA PHE D 29 -23.12 12.53 -0.86
C PHE D 29 -22.63 11.29 -1.58
N SER D 30 -21.49 11.37 -2.27
CA SER D 30 -21.03 10.24 -3.07
C SER D 30 -20.68 9.02 -2.23
N SER D 31 -20.37 9.21 -0.95
CA SER D 31 -19.94 8.12 -0.08
C SER D 31 -21.06 7.63 0.84
N PHE D 32 -22.30 8.04 0.60
CA PHE D 32 -23.43 7.68 1.45
C PHE D 32 -24.45 6.91 0.63
N GLY D 33 -24.78 5.70 1.08
CA GLY D 33 -25.95 5.02 0.56
C GLY D 33 -27.22 5.72 0.98
N MET D 34 -28.25 5.60 0.14
CA MET D 34 -29.48 6.35 0.34
C MET D 34 -30.67 5.40 0.28
N HIS D 35 -31.68 5.70 1.10
CA HIS D 35 -32.91 4.92 1.14
C HIS D 35 -34.10 5.83 0.96
N TRP D 36 -35.17 5.28 0.40
CA TRP D 36 -36.49 5.89 0.41
C TRP D 36 -37.37 5.06 1.34
N VAL D 37 -37.99 5.73 2.31
CA VAL D 37 -38.83 5.11 3.33
C VAL D 37 -40.13 5.89 3.42
N ARG D 38 -41.26 5.20 3.32
CA ARG D 38 -42.53 5.92 3.34
C ARG D 38 -43.35 5.58 4.58
N GLN D 39 -44.25 6.49 4.91
CA GLN D 39 -45.13 6.36 6.07
C GLN D 39 -46.55 6.71 5.65
N ALA D 40 -47.47 5.79 5.84
CA ALA D 40 -48.87 6.02 5.51
C ALA D 40 -49.40 7.22 6.32
N PRO D 41 -50.54 7.80 5.91
CA PRO D 41 -51.00 9.03 6.57
C PRO D 41 -51.16 8.91 8.08
N GLU D 42 -51.61 7.77 8.59
CA GLU D 42 -51.72 7.57 10.03
C GLU D 42 -51.05 6.30 10.52
N LYS D 43 -50.47 5.49 9.63
CA LYS D 43 -49.86 4.22 10.00
C LYS D 43 -48.36 4.44 10.26
N GLY D 44 -47.61 3.33 10.34
CA GLY D 44 -46.21 3.37 10.66
C GLY D 44 -45.34 3.46 9.41
N LEU D 45 -44.04 3.24 9.63
CA LEU D 45 -43.06 3.41 8.58
C LEU D 45 -42.95 2.16 7.71
N GLU D 46 -42.39 2.33 6.52
CA GLU D 46 -42.25 1.26 5.56
C GLU D 46 -41.13 1.61 4.59
N TRP D 47 -40.23 0.66 4.35
CA TRP D 47 -39.07 0.91 3.51
C TRP D 47 -39.43 0.73 2.04
N VAL D 48 -39.05 1.70 1.21
CA VAL D 48 -39.42 1.69 -0.20
C VAL D 48 -38.28 1.15 -1.06
N ALA D 49 -37.11 1.76 -0.95
CA ALA D 49 -36.03 1.40 -1.85
C ALA D 49 -34.68 1.79 -1.27
N TYR D 50 -33.62 1.31 -1.92
CA TYR D 50 -32.25 1.57 -1.47
C TYR D 50 -31.32 1.58 -2.67
N ILE D 51 -30.44 2.59 -2.74
CA ILE D 51 -29.37 2.65 -3.72
C ILE D 51 -28.06 2.97 -3.00
N SER D 52 -27.02 2.20 -3.31
CA SER D 52 -25.76 2.29 -2.57
C SER D 52 -24.83 3.32 -3.19
N SER D 53 -23.77 3.64 -2.47
CA SER D 53 -22.71 4.48 -3.00
C SER D 53 -22.06 3.80 -4.20
N GLY D 54 -21.88 4.57 -5.27
CA GLY D 54 -21.39 4.02 -6.52
C GLY D 54 -22.46 3.48 -7.43
N SER D 55 -23.72 3.47 -7.00
CA SER D 55 -24.85 3.03 -7.82
C SER D 55 -24.70 1.59 -8.28
N GLY D 56 -23.98 0.77 -7.50
CA GLY D 56 -23.75 -0.60 -7.85
C GLY D 56 -24.73 -1.60 -7.30
N THR D 57 -25.55 -1.20 -6.33
CA THR D 57 -26.52 -2.09 -5.70
C THR D 57 -27.83 -1.34 -5.50
N ILE D 58 -28.92 -1.92 -6.00
CA ILE D 58 -30.24 -1.31 -5.89
C ILE D 58 -31.22 -2.37 -5.41
N TYR D 59 -31.93 -2.08 -4.33
CA TYR D 59 -32.92 -2.98 -3.75
C TYR D 59 -34.27 -2.28 -3.71
N TYR D 60 -35.32 -3.02 -4.08
CA TYR D 60 -36.68 -2.50 -4.07
C TYR D 60 -37.55 -3.33 -3.15
N ALA D 61 -38.57 -2.68 -2.59
CA ALA D 61 -39.57 -3.40 -1.82
C ALA D 61 -40.51 -4.15 -2.77
N ASP D 62 -40.99 -5.30 -2.32
CA ASP D 62 -41.80 -6.15 -3.17
C ASP D 62 -43.13 -5.50 -3.54
N THR D 63 -43.59 -4.49 -2.79
CA THR D 63 -44.85 -3.84 -3.09
C THR D 63 -44.73 -2.84 -4.25
N VAL D 64 -43.52 -2.41 -4.58
CA VAL D 64 -43.32 -1.43 -5.65
C VAL D 64 -42.22 -1.91 -6.58
N LYS D 65 -41.83 -3.17 -6.45
CA LYS D 65 -40.75 -3.71 -7.27
C LYS D 65 -41.17 -3.77 -8.73
N GLY D 66 -40.31 -3.28 -9.62
CA GLY D 66 -40.63 -3.21 -11.03
C GLY D 66 -41.54 -2.07 -11.40
N ARG D 67 -42.04 -1.32 -10.42
CA ARG D 67 -42.92 -0.18 -10.61
C ARG D 67 -42.24 1.14 -10.29
N PHE D 68 -41.40 1.15 -9.27
CA PHE D 68 -40.58 2.30 -8.91
C PHE D 68 -39.16 2.11 -9.43
N THR D 69 -38.48 3.23 -9.63
CA THR D 69 -37.07 3.21 -10.03
C THR D 69 -36.31 4.22 -9.18
N ILE D 70 -35.09 3.87 -8.80
CA ILE D 70 -34.25 4.76 -8.01
C ILE D 70 -33.05 5.17 -8.86
N SER D 71 -32.55 6.37 -8.59
CA SER D 71 -31.37 6.84 -9.30
C SER D 71 -30.71 7.94 -8.48
N ARG D 72 -29.47 8.25 -8.82
CA ARG D 72 -28.74 9.31 -8.13
C ARG D 72 -27.82 10.02 -9.09
N ASP D 73 -27.73 11.34 -8.92
CA ASP D 73 -26.78 12.18 -9.65
C ASP D 73 -25.80 12.72 -8.61
N ASP D 74 -24.60 12.12 -8.57
CA ASP D 74 -23.60 12.54 -7.59
C ASP D 74 -23.12 13.96 -7.81
N PRO D 75 -22.73 14.38 -9.03
CA PRO D 75 -22.30 15.78 -9.20
C PRO D 75 -23.37 16.78 -8.81
N LYS D 76 -24.63 16.50 -9.11
CA LYS D 76 -25.72 17.38 -8.72
C LYS D 76 -26.19 17.13 -7.29
N ASN D 77 -25.72 16.06 -6.66
CA ASN D 77 -26.13 15.69 -5.30
C ASN D 77 -27.65 15.56 -5.19
N THR D 78 -28.24 14.79 -6.10
CA THR D 78 -29.68 14.67 -6.13
C THR D 78 -30.09 13.21 -6.26
N LEU D 79 -30.94 12.74 -5.35
CA LEU D 79 -31.48 11.40 -5.38
C LEU D 79 -32.91 11.44 -5.94
N PHE D 80 -33.20 10.52 -6.86
CA PHE D 80 -34.45 10.51 -7.59
C PHE D 80 -35.20 9.21 -7.38
N LEU D 81 -36.52 9.32 -7.19
CA LEU D 81 -37.45 8.21 -7.23
C LEU D 81 -38.46 8.46 -8.34
N GLN D 82 -38.46 7.59 -9.34
CA GLN D 82 -39.39 7.68 -10.47
C GLN D 82 -40.49 6.65 -10.24
N MET D 83 -41.73 7.12 -10.20
CA MET D 83 -42.87 6.29 -9.86
C MET D 83 -43.82 6.21 -11.04
N THR D 84 -44.17 4.98 -11.42
CA THR D 84 -45.08 4.71 -12.53
C THR D 84 -46.29 3.94 -12.02
N SER D 85 -47.43 4.14 -12.68
CA SER D 85 -48.69 3.48 -12.34
C SER D 85 -48.96 3.55 -10.84
N LEU D 86 -49.13 4.77 -10.35
CA LEU D 86 -49.30 5.02 -8.93
C LEU D 86 -50.66 4.51 -8.46
N ARG D 87 -50.65 3.45 -7.65
CA ARG D 87 -51.86 2.96 -7.04
C ARG D 87 -52.27 3.84 -5.86
N SER D 88 -53.49 3.63 -5.37
CA SER D 88 -53.97 4.39 -4.22
C SER D 88 -53.28 3.99 -2.93
N GLU D 89 -52.53 2.88 -2.92
CA GLU D 89 -51.77 2.46 -1.76
C GLU D 89 -50.39 3.11 -1.71
N ASP D 90 -50.11 4.03 -2.62
CA ASP D 90 -48.85 4.76 -2.65
C ASP D 90 -48.94 6.13 -1.97
N THR D 91 -50.11 6.51 -1.47
CA THR D 91 -50.23 7.77 -0.75
C THR D 91 -49.54 7.66 0.60
N ALA D 92 -48.58 8.56 0.85
CA ALA D 92 -47.75 8.46 2.05
C ALA D 92 -46.90 9.72 2.17
N MET D 93 -46.02 9.71 3.15
CA MET D 93 -44.94 10.68 3.30
C MET D 93 -43.64 9.96 2.98
N TYR D 94 -42.87 10.49 2.04
CA TYR D 94 -41.65 9.85 1.56
C TYR D 94 -40.43 10.55 2.15
N TYR D 95 -39.59 9.77 2.82
CA TYR D 95 -38.42 10.28 3.51
C TYR D 95 -37.17 9.73 2.85
N CYS D 96 -36.19 10.61 2.65
CA CYS D 96 -34.89 10.21 2.15
C CYS D 96 -33.94 10.04 3.33
N VAL D 97 -33.33 8.87 3.42
CA VAL D 97 -32.53 8.50 4.59
C VAL D 97 -31.08 8.29 4.15
N ARG D 98 -30.18 8.92 4.87
CA ARG D 98 -28.74 8.80 4.66
C ARG D 98 -28.20 7.67 5.52
N SER D 99 -27.36 6.82 4.93
CA SER D 99 -26.76 5.73 5.69
C SER D 99 -25.42 5.36 5.07
N ILE D 100 -24.40 5.22 5.91
CA ILE D 100 -23.06 4.83 5.48
C ILE D 100 -22.69 3.54 6.21
N TYR D 101 -21.98 2.65 5.51
CA TYR D 101 -21.71 1.31 6.03
C TYR D 101 -20.20 1.04 5.99
N TYR D 102 -19.55 1.15 7.14
CA TYR D 102 -18.23 0.58 7.36
C TYR D 102 -18.23 0.04 8.79
N TYR D 103 -17.07 -0.36 9.29
CA TYR D 103 -17.00 -0.85 10.66
C TYR D 103 -17.26 0.30 11.62
N GLY D 104 -18.23 0.13 12.50
CA GLY D 104 -18.55 1.15 13.49
C GLY D 104 -19.41 2.28 12.97
N SER D 105 -20.06 2.11 11.83
CA SER D 105 -20.87 3.18 11.26
C SER D 105 -22.16 3.35 12.04
N SER D 106 -22.92 4.37 11.66
CA SER D 106 -24.23 4.66 12.26
C SER D 106 -25.24 4.81 11.13
N PRO D 107 -25.69 3.70 10.54
CA PRO D 107 -26.66 3.79 9.45
C PRO D 107 -27.97 4.43 9.91
N PHE D 108 -28.63 5.09 8.97
CA PHE D 108 -29.96 5.67 9.18
C PHE D 108 -29.93 6.81 10.20
N ASP D 109 -28.87 7.62 10.14
CA ASP D 109 -28.62 8.65 11.14
C ASP D 109 -29.16 10.03 10.76
N PHE D 110 -29.44 10.28 9.48
CA PHE D 110 -30.00 11.56 9.10
C PHE D 110 -31.16 11.34 8.13
N TRP D 111 -32.25 12.06 8.38
CA TRP D 111 -33.47 11.96 7.59
C TRP D 111 -33.87 13.33 7.07
N GLY D 112 -34.46 13.36 5.89
CA GLY D 112 -35.01 14.60 5.37
C GLY D 112 -36.32 14.94 6.07
N GLN D 113 -37.12 15.82 5.47
CA GLN D 113 -38.43 16.14 6.00
C GLN D 113 -39.57 15.47 5.23
N GLY D 114 -39.25 14.78 4.14
CA GLY D 114 -40.23 14.00 3.42
C GLY D 114 -41.21 14.79 2.58
N THR D 115 -41.78 14.15 1.57
CA THR D 115 -42.74 14.76 0.66
C THR D 115 -44.06 14.00 0.73
N THR D 116 -45.16 14.75 0.81
CA THR D 116 -46.47 14.13 0.85
C THR D 116 -46.94 13.80 -0.56
N LEU D 117 -47.51 12.60 -0.73
CA LEU D 117 -48.01 12.14 -2.02
C LEU D 117 -49.38 11.53 -1.81
N THR D 118 -50.38 12.09 -2.48
CA THR D 118 -51.75 11.60 -2.41
C THR D 118 -52.20 11.16 -3.79
N VAL D 119 -52.88 10.02 -3.84
CA VAL D 119 -53.47 9.49 -5.07
C VAL D 119 -54.98 9.55 -4.91
N SER D 120 -55.64 10.21 -5.86
CA SER D 120 -57.06 10.51 -5.71
C SER D 120 -57.89 9.23 -5.75
N SER D 121 -59.19 9.41 -5.54
CA SER D 121 -60.12 8.29 -5.53
C SER D 121 -60.26 7.67 -6.92
N SER D 136 -41.05 -14.82 3.72
CA SER D 136 -39.63 -14.85 4.00
C SER D 136 -39.17 -13.52 4.62
N ASP D 137 -40.12 -12.62 4.83
CA ASP D 137 -39.82 -11.31 5.40
C ASP D 137 -39.95 -11.37 6.92
N ILE D 138 -38.95 -10.84 7.62
CA ILE D 138 -38.98 -10.83 9.07
C ILE D 138 -40.11 -9.92 9.53
N VAL D 139 -40.94 -10.42 10.44
CA VAL D 139 -42.05 -9.65 11.00
C VAL D 139 -41.60 -9.11 12.35
N MET D 140 -41.61 -7.79 12.47
CA MET D 140 -41.23 -7.12 13.71
C MET D 140 -42.49 -6.67 14.43
N THR D 141 -42.66 -7.10 15.67
CA THR D 141 -43.88 -6.89 16.42
C THR D 141 -43.62 -6.00 17.63
N GLN D 142 -44.46 -4.99 17.79
CA GLN D 142 -44.46 -4.12 18.98
C GLN D 142 -45.86 -4.21 19.58
N ALA D 143 -46.04 -5.14 20.52
CA ALA D 143 -47.36 -5.36 21.10
C ALA D 143 -47.88 -4.15 21.88
N THR D 144 -46.98 -3.36 22.47
CA THR D 144 -47.41 -2.19 23.22
C THR D 144 -47.81 -1.06 22.27
N SER D 145 -48.73 -0.22 22.75
CA SER D 145 -49.19 0.93 22.00
C SER D 145 -49.89 1.89 22.96
N SER D 146 -49.59 3.18 22.81
CA SER D 146 -50.20 4.25 23.61
C SER D 146 -49.97 4.01 25.10
N VAL D 147 -48.71 3.96 25.48
CA VAL D 147 -48.33 3.82 26.89
C VAL D 147 -48.44 5.18 27.57
N PRO D 148 -49.20 5.30 28.66
CA PRO D 148 -49.28 6.58 29.38
C PRO D 148 -48.04 6.79 30.24
N VAL D 149 -47.43 7.96 30.11
CA VAL D 149 -46.15 8.26 30.73
C VAL D 149 -46.23 9.61 31.43
N THR D 150 -45.62 9.70 32.62
CA THR D 150 -45.43 10.91 33.40
C THR D 150 -43.96 11.32 33.36
N PRO D 151 -43.67 12.62 33.37
CA PRO D 151 -42.26 13.05 33.32
C PRO D 151 -41.49 12.58 34.54
N GLY D 152 -40.23 12.22 34.31
CA GLY D 152 -39.35 11.76 35.37
C GLY D 152 -39.38 10.27 35.64
N GLU D 153 -40.29 9.53 35.02
CA GLU D 153 -40.40 8.11 35.27
C GLU D 153 -39.45 7.32 34.37
N SER D 154 -39.45 6.00 34.53
CA SER D 154 -38.65 5.10 33.70
C SER D 154 -39.59 4.27 32.85
N VAL D 155 -39.30 4.20 31.55
CA VAL D 155 -40.20 3.56 30.59
C VAL D 155 -39.41 2.54 29.78
N SER D 156 -40.04 1.39 29.52
CA SER D 156 -39.45 0.35 28.69
C SER D 156 -40.40 0.04 27.54
N ILE D 157 -39.84 0.00 26.32
CA ILE D 157 -40.59 -0.32 25.11
C ILE D 157 -40.10 -1.67 24.62
N SER D 158 -41.03 -2.58 24.34
CA SER D 158 -40.71 -3.94 23.97
C SER D 158 -40.84 -4.15 22.47
N CYS D 159 -40.04 -5.08 21.95
CA CYS D 159 -40.03 -5.41 20.54
C CYS D 159 -39.73 -6.89 20.36
N ARG D 160 -40.37 -7.51 19.38
CA ARG D 160 -40.19 -8.93 19.10
C ARG D 160 -39.90 -9.10 17.62
N SER D 161 -39.16 -10.17 17.30
CA SER D 161 -38.80 -10.47 15.92
C SER D 161 -39.17 -11.91 15.61
N SER D 162 -39.59 -12.14 14.36
CA SER D 162 -39.93 -13.47 13.88
C SER D 162 -38.72 -14.28 13.46
N LYS D 163 -37.52 -13.84 13.85
CA LYS D 163 -36.27 -14.48 13.52
C LYS D 163 -35.18 -13.85 14.37
N SER D 164 -34.10 -14.59 14.58
CA SER D 164 -33.00 -14.06 15.38
C SER D 164 -32.25 -12.99 14.59
N LEU D 165 -32.11 -11.82 15.20
CA LEU D 165 -31.37 -10.71 14.59
C LEU D 165 -29.89 -10.74 14.90
N LEU D 166 -29.42 -11.75 15.61
CA LEU D 166 -28.00 -11.89 15.94
C LEU D 166 -27.33 -12.68 14.82
N HIS D 167 -26.49 -11.99 14.05
CA HIS D 167 -25.72 -12.63 13.00
C HIS D 167 -24.50 -13.32 13.59
N SER D 168 -23.88 -14.19 12.77
CA SER D 168 -22.69 -14.90 13.22
C SER D 168 -21.54 -13.96 13.54
N ASN D 169 -21.53 -12.76 12.95
CA ASN D 169 -20.49 -11.78 13.25
C ASN D 169 -20.56 -11.24 14.67
N GLY D 170 -21.64 -11.52 15.40
CA GLY D 170 -21.81 -11.00 16.74
C GLY D 170 -22.60 -9.73 16.83
N ASN D 171 -23.16 -9.26 15.72
CA ASN D 171 -23.93 -8.03 15.69
C ASN D 171 -25.42 -8.35 15.69
N THR D 172 -26.19 -7.49 16.35
CA THR D 172 -27.64 -7.54 16.31
C THR D 172 -28.13 -6.32 15.56
N TYR D 173 -28.88 -6.54 14.50
CA TYR D 173 -29.27 -5.47 13.59
C TYR D 173 -30.66 -4.95 13.94
N LEU D 174 -30.73 -4.37 15.13
CA LEU D 174 -31.94 -3.69 15.61
C LEU D 174 -31.68 -2.20 15.67
N TYR D 175 -32.59 -1.42 15.12
CA TYR D 175 -32.50 0.04 15.12
C TYR D 175 -33.74 0.60 15.79
N TRP D 176 -33.53 1.48 16.76
CA TRP D 176 -34.60 2.23 17.41
C TRP D 176 -34.55 3.67 16.93
N PHE D 177 -35.63 4.13 16.32
CA PHE D 177 -35.83 5.51 15.88
C PHE D 177 -36.92 6.16 16.72
N LEU D 178 -36.86 7.50 16.78
CA LEU D 178 -37.86 8.28 17.49
C LEU D 178 -38.42 9.33 16.54
N GLN D 179 -39.73 9.37 16.40
CA GLN D 179 -40.42 10.35 15.58
C GLN D 179 -41.29 11.19 16.49
N ARG D 180 -40.87 12.42 16.74
CA ARG D 180 -41.64 13.36 17.55
C ARG D 180 -42.85 13.84 16.76
N PRO D 181 -43.90 14.29 17.44
CA PRO D 181 -45.09 14.78 16.72
C PRO D 181 -44.78 15.99 15.85
N GLY D 182 -44.88 15.82 14.54
CA GLY D 182 -44.58 16.88 13.60
C GLY D 182 -43.15 16.97 13.15
N GLN D 183 -42.33 15.94 13.40
CA GLN D 183 -40.93 15.96 13.04
C GLN D 183 -40.57 14.65 12.35
N SER D 184 -39.48 14.70 11.58
CA SER D 184 -38.98 13.51 10.93
C SER D 184 -38.28 12.59 11.93
N PRO D 185 -38.31 11.28 11.71
CA PRO D 185 -37.71 10.37 12.68
C PRO D 185 -36.20 10.57 12.83
N GLN D 186 -35.72 10.31 14.03
CA GLN D 186 -34.32 10.46 14.39
C GLN D 186 -33.81 9.14 14.96
N LEU D 187 -32.58 8.78 14.61
CA LEU D 187 -31.97 7.57 15.13
C LEU D 187 -31.65 7.71 16.61
N LEU D 188 -32.04 6.72 17.40
CA LEU D 188 -31.66 6.62 18.80
C LEU D 188 -30.63 5.53 19.04
N ILE D 189 -30.89 4.32 18.54
CA ILE D 189 -29.97 3.20 18.69
C ILE D 189 -29.83 2.52 17.34
N TYR D 190 -28.59 2.20 16.95
CA TYR D 190 -28.40 1.60 15.64
C TYR D 190 -28.06 0.12 15.65
N ARG D 191 -27.37 -0.37 16.68
CA ARG D 191 -27.24 -1.81 16.91
C ARG D 191 -27.29 -1.99 18.41
N MET D 192 -28.25 -2.78 18.90
CA MET D 192 -28.79 -2.65 20.25
C MET D 192 -27.71 -2.31 21.27
N SER D 193 -27.98 -1.29 22.08
CA SER D 193 -27.11 -0.69 23.09
C SER D 193 -26.05 0.22 22.49
N ASN D 194 -26.12 0.55 21.21
CA ASN D 194 -25.25 1.56 20.61
C ASN D 194 -26.03 2.85 20.51
N LEU D 195 -25.52 3.90 21.15
CA LEU D 195 -26.24 5.17 21.26
C LEU D 195 -25.78 6.11 20.16
N ALA D 196 -26.74 6.66 19.42
CA ALA D 196 -26.42 7.53 18.30
C ALA D 196 -25.87 8.87 18.79
N SER D 197 -25.15 9.54 17.89
CA SER D 197 -24.53 10.80 18.22
C SER D 197 -25.58 11.88 18.49
N GLY D 198 -25.33 12.69 19.50
CA GLY D 198 -26.24 13.76 19.84
C GLY D 198 -27.49 13.33 20.56
N VAL D 199 -27.51 12.15 21.15
CA VAL D 199 -28.66 11.62 21.87
C VAL D 199 -28.31 11.58 23.35
N PRO D 200 -29.19 12.06 24.24
CA PRO D 200 -28.89 12.03 25.67
C PRO D 200 -28.66 10.61 26.18
N ASP D 201 -27.76 10.49 27.16
CA ASP D 201 -27.39 9.20 27.71
C ASP D 201 -28.50 8.55 28.52
N ARG D 202 -29.67 9.18 28.65
CA ARG D 202 -30.79 8.57 29.36
C ARG D 202 -31.43 7.44 28.57
N PHE D 203 -31.07 7.26 27.31
CA PHE D 203 -31.58 6.17 26.48
C PHE D 203 -30.63 5.00 26.51
N SER D 204 -31.17 3.79 26.56
CA SER D 204 -30.36 2.58 26.53
C SER D 204 -31.14 1.47 25.85
N GLY D 205 -30.42 0.45 25.41
CA GLY D 205 -31.08 -0.68 24.77
C GLY D 205 -30.51 -2.01 25.19
N SER D 206 -31.37 -3.02 25.34
CA SER D 206 -30.94 -4.36 25.70
C SER D 206 -31.78 -5.36 24.91
N GLY D 207 -31.29 -6.59 24.85
CA GLY D 207 -32.07 -7.62 24.20
C GLY D 207 -31.23 -8.84 23.92
N SER D 208 -31.91 -9.87 23.44
CA SER D 208 -31.27 -11.12 23.04
C SER D 208 -32.14 -11.80 22.00
N GLY D 209 -31.52 -12.24 20.91
CA GLY D 209 -32.21 -13.01 19.90
C GLY D 209 -33.40 -12.30 19.30
N THR D 210 -34.60 -12.75 19.66
CA THR D 210 -35.83 -12.22 19.13
C THR D 210 -36.56 -11.29 20.09
N ALA D 211 -35.96 -10.95 21.22
CA ALA D 211 -36.60 -10.08 22.21
C ALA D 211 -35.73 -8.85 22.43
N PHE D 212 -36.36 -7.69 22.52
CA PHE D 212 -35.62 -6.44 22.69
C PHE D 212 -36.41 -5.46 23.53
N THR D 213 -35.67 -4.67 24.31
CA THR D 213 -36.25 -3.61 25.14
C THR D 213 -35.42 -2.33 24.97
N LEU D 214 -36.12 -1.21 24.92
CA LEU D 214 -35.50 0.11 24.89
C LEU D 214 -35.94 0.86 26.15
N THR D 215 -34.96 1.30 26.94
CA THR D 215 -35.22 1.87 28.26
C THR D 215 -34.88 3.35 28.26
N ILE D 216 -35.86 4.17 28.66
CA ILE D 216 -35.64 5.57 28.99
C ILE D 216 -35.62 5.68 30.50
N SER D 217 -34.49 6.14 31.04
CA SER D 217 -34.28 6.14 32.49
C SER D 217 -35.17 7.18 33.16
N ARG D 218 -34.96 8.46 32.84
CA ARG D 218 -35.86 9.52 33.29
C ARG D 218 -36.03 10.49 32.14
N LEU D 219 -37.28 10.79 31.81
CA LEU D 219 -37.62 11.40 30.52
C LEU D 219 -38.24 12.78 30.71
N GLU D 220 -37.83 13.71 29.86
CA GLU D 220 -38.41 15.04 29.80
C GLU D 220 -39.57 15.03 28.80
N ALA D 221 -40.03 16.22 28.42
CA ALA D 221 -41.11 16.33 27.45
C ALA D 221 -40.62 16.27 26.01
N GLU D 222 -39.31 16.24 25.79
CA GLU D 222 -38.79 16.18 24.43
C GLU D 222 -38.97 14.79 23.83
N ASP D 223 -38.71 13.75 24.60
CA ASP D 223 -38.79 12.38 24.09
C ASP D 223 -40.19 11.79 24.28
N VAL D 224 -41.19 12.53 23.80
CA VAL D 224 -42.57 12.06 23.72
C VAL D 224 -42.93 12.00 22.25
N GLY D 225 -43.24 10.80 21.77
CA GLY D 225 -43.53 10.61 20.35
C GLY D 225 -43.82 9.16 20.02
N VAL D 226 -43.39 8.70 18.86
CA VAL D 226 -43.57 7.31 18.45
C VAL D 226 -42.20 6.68 18.22
N TYR D 227 -41.98 5.52 18.83
CA TYR D 227 -40.71 4.83 18.74
C TYR D 227 -40.83 3.63 17.81
N TYR D 228 -39.86 3.50 16.90
CA TYR D 228 -39.93 2.51 15.83
C TYR D 228 -38.73 1.57 15.90
N CYS D 229 -39.01 0.29 15.66
CA CYS D 229 -37.99 -0.74 15.52
C CYS D 229 -37.80 -1.07 14.05
N MET D 230 -36.55 -1.36 13.69
CA MET D 230 -36.23 -1.68 12.30
C MET D 230 -35.14 -2.73 12.28
N GLN D 231 -35.27 -3.69 11.38
CA GLN D 231 -34.29 -4.76 11.23
C GLN D 231 -33.45 -4.52 9.99
N HIS D 232 -32.13 -4.65 10.14
CA HIS D 232 -31.21 -4.52 9.02
C HIS D 232 -30.44 -5.81 8.77
N LEU D 233 -30.92 -6.94 9.29
CA LEU D 233 -30.26 -8.22 9.05
C LEU D 233 -30.26 -8.57 7.58
N GLU D 234 -31.39 -8.38 6.90
CA GLU D 234 -31.50 -8.61 5.48
C GLU D 234 -32.68 -7.82 4.95
N TYR D 235 -32.65 -7.54 3.66
CA TYR D 235 -33.73 -6.81 3.02
C TYR D 235 -34.95 -7.71 2.85
N PRO D 236 -36.16 -7.15 2.77
CA PRO D 236 -36.53 -5.74 2.55
C PRO D 236 -36.81 -4.86 3.78
N LEU D 237 -35.96 -4.91 4.80
CA LEU D 237 -35.92 -3.90 5.87
C LEU D 237 -37.31 -3.58 6.41
N THR D 238 -37.92 -4.58 7.03
CA THR D 238 -39.24 -4.40 7.61
C THR D 238 -39.16 -3.57 8.89
N PHE D 239 -40.20 -2.80 9.14
CA PHE D 239 -40.33 -1.98 10.33
C PHE D 239 -41.29 -2.64 11.31
N GLY D 240 -41.62 -1.94 12.38
CA GLY D 240 -42.63 -2.39 13.31
C GLY D 240 -43.57 -1.27 13.68
N ALA D 241 -44.84 -1.59 13.92
CA ALA D 241 -45.81 -0.56 14.29
C ALA D 241 -45.36 0.12 15.58
N GLY D 242 -45.22 1.43 15.53
CA GLY D 242 -44.60 2.15 16.62
C GLY D 242 -45.42 2.13 17.89
N THR D 243 -44.72 2.30 19.01
CA THR D 243 -45.35 2.42 20.33
C THR D 243 -45.34 3.88 20.73
N LYS D 244 -46.53 4.46 20.89
CA LYS D 244 -46.66 5.87 21.20
C LYS D 244 -46.55 6.11 22.70
N LEU D 245 -45.80 7.14 23.06
CA LEU D 245 -45.72 7.60 24.45
C LEU D 245 -46.63 8.80 24.61
N GLU D 246 -47.60 8.69 25.51
CA GLU D 246 -48.57 9.76 25.74
C GLU D 246 -48.28 10.41 27.10
N LEU D 247 -48.26 11.73 27.11
CA LEU D 247 -47.96 12.48 28.32
C LEU D 247 -49.16 12.49 29.26
N LYS E 178 8.44 -49.16 -36.03
CA LYS E 178 9.36 -50.04 -35.31
C LYS E 178 10.57 -49.28 -34.78
N GLU E 179 11.29 -48.64 -35.69
CA GLU E 179 12.48 -47.86 -35.33
C GLU E 179 12.17 -46.39 -35.08
N THR E 180 10.89 -46.00 -35.06
CA THR E 180 10.51 -44.61 -34.88
C THR E 180 10.04 -44.30 -33.46
N LEU E 181 10.47 -45.10 -32.47
CA LEU E 181 10.13 -44.80 -31.09
C LEU E 181 10.97 -43.67 -30.53
N ILE E 182 12.21 -43.51 -31.02
CA ILE E 182 13.10 -42.47 -30.49
C ILE E 182 12.52 -41.07 -30.65
N PRO E 183 11.98 -40.67 -31.81
CA PRO E 183 11.34 -39.35 -31.88
C PRO E 183 10.16 -39.20 -30.95
N VAL E 184 9.38 -40.27 -30.75
CA VAL E 184 8.24 -40.21 -29.85
C VAL E 184 8.72 -39.94 -28.42
N PHE E 185 9.77 -40.64 -28.00
CA PHE E 185 10.30 -40.41 -26.66
C PHE E 185 10.94 -39.04 -26.52
N LEU E 186 11.58 -38.55 -27.59
CA LEU E 186 12.12 -37.19 -27.55
C LEU E 186 11.00 -36.17 -27.35
N ILE E 187 9.90 -36.33 -28.09
CA ILE E 187 8.76 -35.43 -27.94
C ILE E 187 8.21 -35.48 -26.53
N LEU E 188 8.06 -36.69 -25.97
CA LEU E 188 7.57 -36.79 -24.60
C LEU E 188 8.51 -36.10 -23.62
N PHE E 189 9.82 -36.32 -23.77
CA PHE E 189 10.78 -35.77 -22.83
C PHE E 189 10.80 -34.25 -22.88
N ILE E 190 10.78 -33.66 -24.09
CA ILE E 190 10.87 -32.20 -24.18
C ILE E 190 9.51 -31.53 -24.04
N ALA E 191 8.42 -32.30 -24.02
CA ALA E 191 7.14 -31.76 -23.60
C ALA E 191 6.96 -31.80 -22.10
N LEU E 192 7.59 -32.77 -21.42
CA LEU E 192 7.47 -32.86 -19.97
C LEU E 192 7.99 -31.60 -19.30
N VAL E 193 9.15 -31.08 -19.75
CA VAL E 193 9.68 -29.87 -19.17
C VAL E 193 8.81 -28.67 -19.48
N GLY E 194 8.22 -28.63 -20.68
CA GLY E 194 7.39 -27.50 -21.05
C GLY E 194 6.11 -27.42 -20.23
N LEU E 195 5.49 -28.58 -19.96
CA LEU E 195 4.34 -28.59 -19.06
C LEU E 195 4.68 -27.97 -17.71
N VAL E 196 5.80 -28.38 -17.12
CA VAL E 196 6.18 -27.86 -15.81
C VAL E 196 6.44 -26.35 -15.88
N GLY E 197 7.19 -25.92 -16.89
CA GLY E 197 7.53 -24.51 -17.00
C GLY E 197 6.31 -23.64 -17.18
N ASN E 198 5.39 -24.05 -18.06
CA ASN E 198 4.23 -23.22 -18.35
C ASN E 198 3.21 -23.26 -17.23
N GLY E 199 3.05 -24.41 -16.56
CA GLY E 199 2.24 -24.43 -15.35
C GLY E 199 2.81 -23.52 -14.28
N PHE E 200 4.14 -23.49 -14.14
CA PHE E 200 4.76 -22.58 -13.19
C PHE E 200 4.48 -21.12 -13.56
N VAL E 201 4.61 -20.79 -14.85
CA VAL E 201 4.36 -19.41 -15.28
C VAL E 201 2.92 -19.02 -14.98
N LEU E 202 1.98 -19.90 -15.29
CA LEU E 202 0.57 -19.63 -15.02
C LEU E 202 0.32 -19.49 -13.52
N TRP E 203 0.99 -20.30 -12.70
CA TRP E 203 0.78 -20.23 -11.26
C TRP E 203 1.30 -18.91 -10.69
N LEU E 204 2.52 -18.52 -11.07
CA LEU E 204 3.08 -17.27 -10.55
C LEU E 204 2.41 -16.03 -11.10
N LEU E 205 1.81 -16.07 -12.28
CA LEU E 205 1.11 -14.88 -12.78
C LEU E 205 -0.39 -14.88 -12.52
N GLY E 206 -0.98 -16.00 -12.10
CA GLY E 206 -2.40 -16.00 -11.79
C GLY E 206 -2.72 -15.15 -10.58
N PHE E 207 -2.08 -15.45 -9.45
CA PHE E 207 -2.27 -14.67 -8.22
C PHE E 207 -0.98 -14.33 -7.49
N ARG E 208 0.12 -15.06 -7.73
CA ARG E 208 1.32 -14.88 -6.90
C ARG E 208 1.98 -13.53 -7.13
N MET E 209 2.10 -13.11 -8.39
CA MET E 209 2.84 -11.90 -8.73
C MET E 209 1.92 -10.89 -9.41
N ARG E 210 2.17 -9.61 -9.13
CA ARG E 210 1.43 -8.54 -9.77
C ARG E 210 1.76 -8.47 -11.26
N ARG E 211 0.76 -8.14 -12.07
CA ARG E 211 0.88 -8.13 -13.52
C ARG E 211 0.88 -6.69 -14.03
N ASN E 212 1.84 -6.39 -14.90
CA ASN E 212 1.85 -5.13 -15.62
C ASN E 212 1.11 -5.30 -16.94
N ALA E 213 1.13 -4.26 -17.77
CA ALA E 213 0.47 -4.32 -19.06
C ALA E 213 1.15 -5.29 -20.03
N PHE E 214 2.34 -5.76 -19.71
CA PHE E 214 3.08 -6.68 -20.59
C PHE E 214 2.89 -8.14 -20.21
N SER E 215 2.55 -8.42 -18.95
CA SER E 215 2.48 -9.80 -18.49
C SER E 215 1.26 -10.55 -19.03
N VAL E 216 0.26 -9.84 -19.55
CA VAL E 216 -0.88 -10.54 -20.14
C VAL E 216 -0.45 -11.27 -21.41
N TYR E 217 0.52 -10.73 -22.14
CA TYR E 217 1.08 -11.44 -23.27
C TYR E 217 1.75 -12.73 -22.82
N VAL E 218 2.42 -12.69 -21.67
CA VAL E 218 3.04 -13.90 -21.13
C VAL E 218 1.98 -14.90 -20.71
N LEU E 219 0.86 -14.43 -20.13
CA LEU E 219 -0.24 -15.34 -19.82
C LEU E 219 -0.81 -16.01 -21.06
N SER E 220 -1.04 -15.22 -22.13
CA SER E 220 -1.58 -15.80 -23.35
C SER E 220 -0.59 -16.80 -23.96
N LEU E 221 0.70 -16.46 -23.92
CA LEU E 221 1.72 -17.37 -24.41
C LEU E 221 1.72 -18.67 -23.61
N ALA E 222 1.64 -18.56 -22.28
CA ALA E 222 1.65 -19.75 -21.44
C ALA E 222 0.42 -20.61 -21.69
N GLY E 223 -0.74 -19.99 -21.86
CA GLY E 223 -1.95 -20.77 -22.12
C GLY E 223 -1.88 -21.52 -23.44
N ALA E 224 -1.51 -20.81 -24.52
CA ALA E 224 -1.41 -21.48 -25.82
C ALA E 224 -0.37 -22.58 -25.78
N ASP E 225 0.77 -22.30 -25.14
CA ASP E 225 1.85 -23.26 -25.06
C ASP E 225 1.43 -24.49 -24.29
N PHE E 226 0.71 -24.28 -23.17
CA PHE E 226 0.21 -25.36 -22.34
C PHE E 226 -0.72 -26.26 -23.15
N LEU E 227 -1.66 -25.65 -23.89
CA LEU E 227 -2.59 -26.43 -24.70
C LEU E 227 -1.84 -27.26 -25.73
N PHE E 228 -0.89 -26.64 -26.44
CA PHE E 228 -0.16 -27.34 -27.49
C PHE E 228 0.60 -28.53 -26.93
N LEU E 229 1.33 -28.32 -25.82
CA LEU E 229 2.12 -29.40 -25.25
C LEU E 229 1.23 -30.49 -24.65
N CYS E 230 0.09 -30.10 -24.08
CA CYS E 230 -0.85 -31.09 -23.56
C CYS E 230 -1.34 -32.00 -24.67
N PHE E 231 -1.74 -31.44 -25.80
CA PHE E 231 -2.21 -32.28 -26.89
C PHE E 231 -1.08 -33.11 -27.48
N GLN E 232 0.14 -32.59 -27.48
CA GLN E 232 1.28 -33.40 -27.92
C GLN E 232 1.46 -34.63 -27.04
N ILE E 233 1.40 -34.44 -25.72
CA ILE E 233 1.54 -35.57 -24.82
C ILE E 233 0.36 -36.53 -24.95
N ILE E 234 -0.85 -36.00 -25.18
CA ILE E 234 -2.00 -36.88 -25.37
C ILE E 234 -1.81 -37.77 -26.60
N ASN E 235 -1.38 -37.17 -27.71
CA ASN E 235 -1.13 -37.96 -28.92
C ASN E 235 -0.02 -38.99 -28.68
N CYS E 236 1.05 -38.59 -28.00
CA CYS E 236 2.14 -39.50 -27.71
C CYS E 236 1.67 -40.68 -26.87
N LEU E 237 0.87 -40.40 -25.84
CA LEU E 237 0.40 -41.47 -24.96
C LEU E 237 -0.59 -42.39 -25.68
N VAL E 238 -1.41 -41.83 -26.58
CA VAL E 238 -2.29 -42.68 -27.37
C VAL E 238 -1.48 -43.61 -28.26
N TYR E 239 -0.41 -43.11 -28.86
CA TYR E 239 0.46 -43.97 -29.66
C TYR E 239 1.10 -45.05 -28.81
N LEU E 240 1.59 -44.68 -27.62
CA LEU E 240 2.22 -45.67 -26.74
C LEU E 240 1.22 -46.74 -26.31
N SER E 241 -0.01 -46.33 -25.99
CA SER E 241 -1.04 -47.28 -25.59
C SER E 241 -1.41 -48.21 -26.74
N ASN E 242 -1.56 -47.67 -27.95
CA ASN E 242 -1.84 -48.52 -29.09
C ASN E 242 -0.62 -49.33 -29.52
N PHE E 243 0.54 -49.08 -28.92
CA PHE E 243 1.71 -49.93 -29.14
C PHE E 243 1.74 -51.09 -28.14
N PHE E 244 1.75 -50.78 -26.85
CA PHE E 244 1.86 -51.83 -25.83
C PHE E 244 0.54 -52.58 -25.63
N CYS E 245 -0.58 -51.95 -25.95
CA CYS E 245 -1.92 -52.47 -25.71
C CYS E 245 -2.73 -52.43 -27.00
N SER E 246 -2.17 -53.02 -28.06
CA SER E 246 -2.61 -52.85 -29.45
C SER E 246 -4.12 -52.75 -29.62
N ILE E 247 -4.89 -53.54 -28.86
CA ILE E 247 -6.34 -53.41 -28.85
C ILE E 247 -6.67 -52.18 -28.00
N SER E 248 -6.84 -51.03 -28.66
CA SER E 248 -7.03 -49.76 -27.96
C SER E 248 -7.96 -48.88 -28.79
N ILE E 249 -8.01 -47.60 -28.44
CA ILE E 249 -8.88 -46.63 -29.09
C ILE E 249 -8.04 -45.44 -29.55
N ASN E 250 -8.65 -44.59 -30.37
CA ASN E 250 -7.98 -43.43 -30.95
C ASN E 250 -8.74 -42.16 -30.58
N PHE E 251 -7.99 -41.11 -30.30
CA PHE E 251 -8.58 -39.83 -29.93
C PHE E 251 -9.28 -39.20 -31.14
N PRO E 252 -10.32 -38.40 -30.89
CA PRO E 252 -11.06 -37.80 -32.02
C PRO E 252 -10.23 -36.75 -32.74
N SER E 253 -10.59 -36.53 -34.01
CA SER E 253 -9.90 -35.54 -34.82
C SER E 253 -10.18 -34.11 -34.38
N PHE E 254 -11.30 -33.89 -33.69
CA PHE E 254 -11.68 -32.55 -33.26
C PHE E 254 -10.55 -31.87 -32.49
N PHE E 255 -9.93 -32.60 -31.57
CA PHE E 255 -8.86 -32.03 -30.75
C PHE E 255 -7.78 -31.41 -31.61
N THR E 256 -7.49 -32.02 -32.77
CA THR E 256 -6.47 -31.49 -33.66
C THR E 256 -6.70 -30.00 -33.92
N THR E 257 -7.93 -29.64 -34.28
CA THR E 257 -8.24 -28.25 -34.56
C THR E 257 -7.84 -27.36 -33.39
N VAL E 258 -8.24 -27.76 -32.18
CA VAL E 258 -7.91 -26.96 -31.00
C VAL E 258 -6.41 -26.80 -30.89
N MET E 259 -5.67 -27.88 -31.11
CA MET E 259 -4.21 -27.82 -31.08
C MET E 259 -3.71 -26.70 -31.99
N THR E 260 -4.19 -26.68 -33.23
CA THR E 260 -3.75 -25.66 -34.17
C THR E 260 -3.94 -24.28 -33.59
N CYS E 261 -5.12 -24.03 -32.99
CA CYS E 261 -5.38 -22.72 -32.41
C CYS E 261 -4.26 -22.34 -31.45
N ALA E 262 -3.96 -23.24 -30.51
CA ALA E 262 -2.90 -22.95 -29.54
C ALA E 262 -1.62 -22.57 -30.26
N TYR E 263 -1.21 -23.41 -31.22
CA TYR E 263 0.02 -23.14 -31.96
C TYR E 263 -0.02 -21.75 -32.57
N LEU E 264 -1.12 -21.43 -33.27
CA LEU E 264 -1.20 -20.12 -33.91
C LEU E 264 -1.13 -19.01 -32.88
N ALA E 265 -1.86 -19.17 -31.77
CA ALA E 265 -1.80 -18.15 -30.73
C ALA E 265 -0.36 -18.00 -30.22
N GLY E 266 0.34 -19.12 -30.08
CA GLY E 266 1.71 -19.05 -29.60
C GLY E 266 2.65 -18.36 -30.55
N LEU E 267 2.30 -18.28 -31.84
CA LEU E 267 3.12 -17.54 -32.78
C LEU E 267 2.65 -16.11 -32.97
N SER E 268 1.52 -15.74 -32.38
CA SER E 268 1.08 -14.35 -32.47
C SER E 268 1.64 -13.53 -31.32
N MET E 269 1.45 -14.01 -30.09
CA MET E 269 1.93 -13.30 -28.91
C MET E 269 3.39 -12.93 -29.05
N LEU E 270 4.22 -13.91 -29.45
CA LEU E 270 5.62 -13.67 -29.73
C LEU E 270 5.80 -12.40 -30.55
N SER E 271 5.22 -12.39 -31.76
CA SER E 271 5.32 -11.21 -32.62
C SER E 271 4.86 -9.97 -31.88
N THR E 272 3.70 -10.05 -31.22
CA THR E 272 3.18 -8.90 -30.51
C THR E 272 4.19 -8.39 -29.50
N VAL E 273 4.80 -9.31 -28.74
CA VAL E 273 5.78 -8.90 -27.73
C VAL E 273 6.87 -8.08 -28.40
N SER E 274 7.41 -8.60 -29.51
CA SER E 274 8.45 -7.87 -30.22
C SER E 274 7.98 -6.47 -30.57
N THR E 275 6.80 -6.38 -31.19
CA THR E 275 6.28 -5.07 -31.57
C THR E 275 6.18 -4.16 -30.37
N GLU E 276 5.67 -4.68 -29.25
CA GLU E 276 5.53 -3.85 -28.06
C GLU E 276 6.87 -3.26 -27.67
N ARG E 277 7.90 -4.09 -27.64
CA ARG E 277 9.23 -3.60 -27.27
C ARG E 277 9.66 -2.48 -28.20
N CYS E 278 9.44 -2.65 -29.51
CA CYS E 278 9.81 -1.62 -30.46
C CYS E 278 9.14 -0.31 -30.10
N LEU E 279 7.83 -0.35 -29.83
CA LEU E 279 7.13 0.87 -29.48
C LEU E 279 7.74 1.49 -28.23
N SER E 280 8.05 0.66 -27.24
CA SER E 280 8.57 1.16 -25.97
C SER E 280 9.89 1.90 -26.16
N VAL E 281 10.54 1.71 -27.30
CA VAL E 281 11.78 2.42 -27.59
C VAL E 281 11.57 3.52 -28.63
N LEU E 282 10.61 3.38 -29.54
CA LEU E 282 10.42 4.40 -30.56
C LEU E 282 9.50 5.52 -30.12
N TRP E 283 8.55 5.24 -29.23
CA TRP E 283 7.67 6.25 -28.67
C TRP E 283 7.62 6.04 -27.16
N PRO E 284 8.68 6.45 -26.45
CA PRO E 284 8.72 6.18 -25.00
C PRO E 284 7.70 6.98 -24.22
N ILE E 285 7.50 8.25 -24.58
CA ILE E 285 6.59 9.10 -23.85
C ILE E 285 5.16 8.58 -23.97
N TRP E 286 4.76 8.23 -25.19
CA TRP E 286 3.42 7.68 -25.41
C TRP E 286 3.24 6.38 -24.65
N TYR E 287 4.26 5.52 -24.67
CA TYR E 287 4.17 4.25 -23.97
C TYR E 287 4.05 4.44 -22.47
N ARG E 288 4.75 5.41 -21.92
CA ARG E 288 4.71 5.63 -20.48
C ARG E 288 3.43 6.32 -20.04
N CYS E 289 2.93 7.27 -20.82
CA CYS E 289 1.83 8.12 -20.38
C CYS E 289 0.51 7.85 -21.08
N ARG E 290 0.49 7.82 -22.42
CA ARG E 290 -0.75 7.81 -23.17
C ARG E 290 -1.14 6.42 -23.65
N ARG E 291 -0.50 5.37 -23.18
CA ARG E 291 -0.87 4.03 -23.62
C ARG E 291 -2.15 3.59 -22.92
N PRO E 292 -3.14 3.08 -23.65
CA PRO E 292 -4.37 2.62 -23.01
C PRO E 292 -4.09 1.50 -22.01
N ARG E 293 -4.87 1.49 -20.93
CA ARG E 293 -4.64 0.54 -19.85
C ARG E 293 -5.08 -0.87 -20.22
N HIS E 294 -6.03 -1.00 -21.13
CA HIS E 294 -6.57 -2.30 -21.53
C HIS E 294 -6.24 -2.66 -22.97
N LEU E 295 -5.24 -2.01 -23.56
CA LEU E 295 -4.88 -2.31 -24.94
C LEU E 295 -4.35 -3.72 -25.10
N SER E 296 -3.54 -4.17 -24.14
CA SER E 296 -2.91 -5.48 -24.26
C SER E 296 -3.93 -6.60 -24.18
N ALA E 297 -4.91 -6.49 -23.28
CA ALA E 297 -5.97 -7.49 -23.22
C ALA E 297 -6.78 -7.53 -24.50
N VAL E 298 -7.06 -6.35 -25.07
CA VAL E 298 -7.76 -6.28 -26.35
C VAL E 298 -6.96 -7.00 -27.42
N VAL E 299 -5.65 -6.74 -27.49
CA VAL E 299 -4.83 -7.37 -28.51
C VAL E 299 -4.84 -8.88 -28.34
N CYS E 300 -4.73 -9.36 -27.09
CA CYS E 300 -4.76 -10.80 -26.85
C CYS E 300 -6.10 -11.40 -27.28
N VAL E 301 -7.20 -10.73 -26.96
CA VAL E 301 -8.52 -11.25 -27.33
C VAL E 301 -8.66 -11.35 -28.84
N LEU E 302 -8.31 -10.28 -29.56
CA LEU E 302 -8.42 -10.33 -31.02
C LEU E 302 -7.48 -11.37 -31.64
N LEU E 303 -6.27 -11.51 -31.12
CA LEU E 303 -5.36 -12.49 -31.69
C LEU E 303 -5.85 -13.92 -31.45
N TRP E 304 -6.31 -14.21 -30.23
CA TRP E 304 -6.91 -15.51 -29.98
C TRP E 304 -8.14 -15.74 -30.84
N ALA E 305 -8.94 -14.69 -31.06
CA ALA E 305 -10.15 -14.83 -31.86
C ALA E 305 -9.81 -15.17 -33.30
N LEU E 306 -8.83 -14.46 -33.88
CA LEU E 306 -8.46 -14.73 -35.26
C LEU E 306 -7.81 -16.11 -35.39
N SER E 307 -7.00 -16.51 -34.42
CA SER E 307 -6.42 -17.85 -34.43
C SER E 307 -7.50 -18.92 -34.37
N LEU E 308 -8.49 -18.73 -33.48
CA LEU E 308 -9.59 -19.68 -33.37
C LEU E 308 -10.40 -19.72 -34.65
N LEU E 309 -10.63 -18.56 -35.28
CA LEU E 309 -11.36 -18.53 -36.54
C LEU E 309 -10.64 -19.34 -37.61
N LEU E 310 -9.34 -19.11 -37.78
CA LEU E 310 -8.59 -19.83 -38.79
C LEU E 310 -8.58 -21.33 -38.50
N SER E 311 -8.36 -21.71 -37.23
CA SER E 311 -8.29 -23.12 -36.88
C SER E 311 -9.63 -23.82 -37.07
N ILE E 312 -10.72 -23.17 -36.65
CA ILE E 312 -12.05 -23.76 -36.81
C ILE E 312 -12.40 -23.91 -38.28
N LEU E 313 -12.10 -22.88 -39.08
CA LEU E 313 -12.39 -22.96 -40.51
C LEU E 313 -11.59 -24.07 -41.18
N GLU E 314 -10.30 -24.19 -40.84
CA GLU E 314 -9.49 -25.26 -41.39
C GLU E 314 -10.05 -26.62 -41.00
N GLY E 315 -10.38 -26.80 -39.72
CA GLY E 315 -10.91 -28.09 -39.28
C GLY E 315 -12.22 -28.44 -39.96
N LYS E 316 -13.11 -27.45 -40.09
CA LYS E 316 -14.40 -27.69 -40.72
C LYS E 316 -14.24 -28.05 -42.19
N PHE E 317 -13.34 -27.39 -42.91
CA PHE E 317 -13.19 -27.61 -44.33
C PHE E 317 -12.16 -28.66 -44.67
N CYS E 318 -11.66 -29.42 -43.67
CA CYS E 318 -10.61 -30.36 -43.97
C CYS E 318 -10.80 -31.70 -43.24
N GLY E 319 -12.01 -32.00 -42.79
CA GLY E 319 -12.31 -33.33 -42.28
C GLY E 319 -12.00 -33.57 -40.83
N PHE E 320 -11.68 -32.54 -40.04
CA PHE E 320 -11.39 -32.72 -38.64
C PHE E 320 -12.58 -32.52 -37.73
N LEU E 321 -13.53 -31.66 -38.11
CA LEU E 321 -14.70 -31.39 -37.32
C LEU E 321 -15.82 -32.37 -37.66
N PHE E 322 -17.01 -32.12 -37.12
CA PHE E 322 -18.17 -32.97 -37.33
C PHE E 322 -18.81 -32.64 -38.68
N SER E 323 -18.10 -33.02 -39.75
CA SER E 323 -18.54 -32.76 -41.10
C SER E 323 -17.75 -33.66 -42.04
N ASP E 324 -18.04 -33.54 -43.34
CA ASP E 324 -17.34 -34.31 -44.36
C ASP E 324 -16.16 -33.49 -44.88
N GLY E 325 -15.05 -34.18 -45.14
CA GLY E 325 -13.83 -33.50 -45.55
C GLY E 325 -13.91 -32.97 -46.96
N ASP E 326 -13.09 -31.95 -47.21
CA ASP E 326 -12.92 -31.37 -48.54
C ASP E 326 -11.43 -31.17 -48.77
N SER E 327 -11.03 -31.19 -50.04
CA SER E 327 -9.62 -31.14 -50.41
C SER E 327 -9.17 -29.76 -50.87
N GLY E 328 -9.88 -29.15 -51.82
CA GLY E 328 -9.44 -27.87 -52.36
C GLY E 328 -9.46 -26.76 -51.33
N TRP E 329 -10.52 -26.68 -50.53
CA TRP E 329 -10.62 -25.61 -49.56
C TRP E 329 -9.68 -25.83 -48.38
N CYS E 330 -9.34 -27.08 -48.07
CA CYS E 330 -8.27 -27.33 -47.11
C CYS E 330 -6.96 -26.74 -47.62
N GLN E 331 -6.67 -26.93 -48.92
CA GLN E 331 -5.47 -26.33 -49.50
C GLN E 331 -5.52 -24.81 -49.40
N THR E 332 -6.67 -24.23 -49.74
CA THR E 332 -6.79 -22.77 -49.73
C THR E 332 -6.57 -22.20 -48.33
N PHE E 333 -7.20 -22.80 -47.32
CA PHE E 333 -7.08 -22.26 -45.98
C PHE E 333 -5.73 -22.58 -45.35
N ASP E 334 -5.10 -23.69 -45.73
CA ASP E 334 -3.73 -23.94 -45.32
C ASP E 334 -2.79 -22.90 -45.90
N PHE E 335 -3.02 -22.52 -47.17
CA PHE E 335 -2.21 -21.45 -47.77
C PHE E 335 -2.45 -20.12 -47.07
N ILE E 336 -3.70 -19.82 -46.69
CA ILE E 336 -3.97 -18.59 -45.94
C ILE E 336 -3.24 -18.59 -44.60
N THR E 337 -3.25 -19.74 -43.92
CA THR E 337 -2.54 -19.82 -42.64
C THR E 337 -1.03 -19.70 -42.83
N ALA E 338 -0.50 -20.24 -43.93
CA ALA E 338 0.92 -20.06 -44.22
C ALA E 338 1.24 -18.59 -44.46
N ALA E 339 0.37 -17.89 -45.17
CA ALA E 339 0.56 -16.45 -45.36
C ALA E 339 0.52 -15.72 -44.03
N TRP E 340 -0.38 -16.14 -43.13
CA TRP E 340 -0.44 -15.54 -41.80
C TRP E 340 0.87 -15.76 -41.04
N LEU E 341 1.43 -16.96 -41.13
CA LEU E 341 2.70 -17.24 -40.45
C LEU E 341 3.84 -16.42 -41.03
N ILE E 342 3.88 -16.29 -42.36
CA ILE E 342 4.90 -15.45 -42.99
C ILE E 342 4.75 -14.00 -42.55
N PHE E 343 3.51 -13.52 -42.45
CA PHE E 343 3.28 -12.15 -41.99
C PHE E 343 3.73 -11.98 -40.55
N LEU E 344 3.49 -12.98 -39.70
CA LEU E 344 3.97 -12.91 -38.32
C LEU E 344 5.49 -12.85 -38.26
N PHE E 345 6.16 -13.66 -39.08
CA PHE E 345 7.62 -13.60 -39.12
C PHE E 345 8.10 -12.25 -39.61
N MET E 346 7.45 -11.69 -40.62
CA MET E 346 7.84 -10.38 -41.12
C MET E 346 7.65 -9.31 -40.06
N VAL E 347 6.56 -9.37 -39.30
CA VAL E 347 6.33 -8.40 -38.24
C VAL E 347 7.41 -8.52 -37.17
N LEU E 348 7.73 -9.75 -36.77
CA LEU E 348 8.74 -9.94 -35.73
C LEU E 348 10.10 -9.44 -36.21
N CYS E 349 10.48 -9.77 -37.43
CA CYS E 349 11.75 -9.32 -37.97
C CYS E 349 11.80 -7.81 -38.11
N GLY E 350 10.71 -7.20 -38.59
CA GLY E 350 10.69 -5.76 -38.74
C GLY E 350 10.78 -5.02 -37.41
N SER E 351 10.02 -5.49 -36.42
CA SER E 351 10.09 -4.85 -35.10
C SER E 351 11.46 -5.01 -34.47
N SER E 352 12.04 -6.21 -34.58
CA SER E 352 13.37 -6.43 -34.01
C SER E 352 14.43 -5.58 -34.73
N LEU E 353 14.32 -5.47 -36.06
CA LEU E 353 15.27 -4.65 -36.80
C LEU E 353 15.13 -3.18 -36.44
N ALA E 354 13.89 -2.69 -36.28
CA ALA E 354 13.69 -1.30 -35.88
C ALA E 354 14.27 -1.05 -34.49
N LEU E 355 14.06 -1.98 -33.57
CA LEU E 355 14.63 -1.82 -32.23
C LEU E 355 16.16 -1.80 -32.29
N LEU E 356 16.75 -2.69 -33.08
CA LEU E 356 18.21 -2.72 -33.19
C LEU E 356 18.75 -1.43 -33.82
N VAL E 357 18.10 -0.95 -34.87
CA VAL E 357 18.56 0.27 -35.53
C VAL E 357 18.45 1.46 -34.58
N ARG E 358 17.35 1.54 -33.83
CA ARG E 358 17.21 2.64 -32.87
C ARG E 358 18.25 2.55 -31.76
N ILE E 359 18.57 1.33 -31.31
CA ILE E 359 19.59 1.17 -30.28
C ILE E 359 20.96 1.60 -30.79
N LEU E 360 21.35 1.14 -31.99
CA LEU E 360 22.66 1.49 -32.52
C LEU E 360 22.76 2.97 -32.85
N CYS E 361 21.76 3.52 -33.54
CA CYS E 361 21.85 4.91 -33.99
C CYS E 361 22.00 5.87 -32.83
N GLY E 362 21.21 5.69 -31.78
CA GLY E 362 21.38 6.48 -30.57
C GLY E 362 20.80 5.80 -29.36
N SER E 363 21.60 5.64 -28.32
CA SER E 363 21.16 5.02 -27.08
C SER E 363 22.22 5.25 -26.02
N ARG E 364 21.78 5.66 -24.83
CA ARG E 364 22.68 5.93 -23.72
C ARG E 364 22.12 5.29 -22.46
N GLY E 365 22.92 4.45 -21.82
CA GLY E 365 22.53 3.82 -20.58
C GLY E 365 22.00 2.41 -20.69
N LEU E 366 22.03 1.81 -21.88
CA LEU E 366 21.47 0.49 -22.08
C LEU E 366 22.58 -0.54 -22.26
N PRO E 367 22.41 -1.76 -21.72
CA PRO E 367 23.34 -2.84 -22.05
C PRO E 367 23.08 -3.37 -23.45
N LEU E 368 23.94 -3.01 -24.41
CA LEU E 368 23.62 -3.27 -25.81
C LEU E 368 23.83 -4.73 -26.16
N THR E 369 24.89 -5.36 -25.65
CA THR E 369 25.19 -6.74 -26.03
C THR E 369 24.08 -7.69 -25.59
N ARG E 370 23.58 -7.52 -24.36
CA ARG E 370 22.51 -8.38 -23.88
C ARG E 370 21.26 -8.22 -24.74
N LEU E 371 20.94 -6.98 -25.13
CA LEU E 371 19.77 -6.76 -25.97
C LEU E 371 19.94 -7.39 -27.35
N TYR E 372 21.12 -7.23 -27.96
CA TYR E 372 21.37 -7.85 -29.26
C TYR E 372 21.20 -9.36 -29.17
N LEU E 373 21.81 -9.97 -28.15
CA LEU E 373 21.74 -11.42 -28.03
C LEU E 373 20.31 -11.89 -27.78
N THR E 374 19.57 -11.19 -26.92
CA THR E 374 18.19 -11.60 -26.64
C THR E 374 17.32 -11.49 -27.89
N ILE E 375 17.46 -10.39 -28.63
CA ILE E 375 16.63 -10.19 -29.82
C ILE E 375 16.95 -11.23 -30.88
N LEU E 376 18.24 -11.46 -31.13
CA LEU E 376 18.63 -12.47 -32.11
C LEU E 376 18.20 -13.86 -31.68
N LEU E 377 18.27 -14.15 -30.38
CA LEU E 377 17.81 -15.43 -29.88
C LEU E 377 16.31 -15.60 -30.13
N THR E 378 15.53 -14.54 -29.89
CA THR E 378 14.09 -14.62 -30.16
C THR E 378 13.83 -14.89 -31.63
N VAL E 379 14.50 -14.16 -32.52
CA VAL E 379 14.27 -14.33 -33.95
C VAL E 379 14.66 -15.74 -34.40
N LEU E 380 15.82 -16.23 -33.95
CA LEU E 380 16.29 -17.54 -34.38
C LEU E 380 15.43 -18.65 -33.81
N VAL E 381 15.00 -18.54 -32.56
CA VAL E 381 14.09 -19.55 -32.00
C VAL E 381 12.79 -19.56 -32.79
N PHE E 382 12.23 -18.38 -33.10
CA PHE E 382 11.01 -18.30 -33.87
C PHE E 382 11.16 -18.97 -35.23
N LEU E 383 12.29 -18.73 -35.91
CA LEU E 383 12.42 -19.23 -37.27
C LEU E 383 12.79 -20.72 -37.31
N LEU E 384 13.74 -21.14 -36.49
CA LEU E 384 14.27 -22.50 -36.55
C LEU E 384 13.52 -23.48 -35.66
N CYS E 385 12.58 -23.01 -34.83
CA CYS E 385 11.85 -23.91 -33.95
C CYS E 385 10.34 -23.71 -33.93
N GLY E 386 9.84 -22.53 -34.31
CA GLY E 386 8.41 -22.31 -34.30
C GLY E 386 7.76 -22.52 -35.65
N LEU E 387 8.35 -21.93 -36.69
CA LEU E 387 7.81 -22.11 -38.03
C LEU E 387 7.82 -23.55 -38.53
N PRO E 388 8.93 -24.32 -38.43
CA PRO E 388 9.04 -25.54 -39.27
C PRO E 388 7.83 -26.44 -39.28
N PHE E 389 7.23 -26.72 -38.11
CA PHE E 389 6.06 -27.59 -38.08
C PHE E 389 4.88 -26.95 -38.80
N GLY E 390 4.63 -25.67 -38.55
CA GLY E 390 3.54 -25.00 -39.24
C GLY E 390 3.76 -24.94 -40.74
N ILE E 391 4.98 -24.62 -41.15
CA ILE E 391 5.29 -24.54 -42.58
C ILE E 391 5.08 -25.89 -43.23
N GLN E 392 5.57 -26.96 -42.62
CA GLN E 392 5.34 -28.29 -43.15
C GLN E 392 3.85 -28.55 -43.26
N TRP E 393 3.18 -28.59 -42.11
CA TRP E 393 1.75 -28.87 -42.02
C TRP E 393 0.92 -28.15 -43.06
N PHE E 394 1.12 -26.84 -43.20
CA PHE E 394 0.23 -26.03 -44.02
C PHE E 394 0.68 -25.84 -45.46
N LEU E 395 1.96 -25.99 -45.77
CA LEU E 395 2.37 -25.75 -47.15
C LEU E 395 3.20 -26.87 -47.75
N ILE E 396 4.08 -27.50 -46.98
CA ILE E 396 5.02 -28.43 -47.56
C ILE E 396 4.35 -29.76 -47.87
N LEU E 397 3.36 -30.15 -47.06
CA LEU E 397 2.58 -31.33 -47.38
C LEU E 397 1.88 -31.18 -48.72
N TRP E 398 1.32 -30.00 -48.98
CA TRP E 398 0.57 -29.78 -50.21
C TRP E 398 1.48 -29.61 -51.42
N ILE E 399 2.60 -28.90 -51.27
CA ILE E 399 3.41 -28.54 -52.43
C ILE E 399 4.21 -29.74 -52.94
N TRP E 400 4.92 -30.42 -52.05
CA TRP E 400 5.76 -31.54 -52.48
C TRP E 400 4.93 -32.72 -52.95
N LEU E 406 8.56 -38.97 -47.01
CA LEU E 406 8.85 -37.63 -46.51
C LEU E 406 8.31 -37.45 -45.10
N PHE E 407 7.22 -38.15 -44.78
CA PHE E 407 6.61 -38.04 -43.46
C PHE E 407 7.61 -38.39 -42.36
N CYS E 408 8.06 -39.64 -42.35
CA CYS E 408 8.88 -40.13 -41.23
C CYS E 408 10.16 -39.33 -41.06
N HIS E 409 10.63 -38.68 -42.13
CA HIS E 409 11.89 -37.95 -42.10
C HIS E 409 11.73 -36.46 -41.85
N ILE E 410 10.55 -35.89 -42.06
CA ILE E 410 10.41 -34.43 -41.98
C ILE E 410 9.41 -34.01 -40.91
N HIS E 411 8.41 -34.85 -40.64
CA HIS E 411 7.36 -34.47 -39.71
C HIS E 411 7.76 -34.64 -38.25
N PRO E 412 8.33 -35.78 -37.82
CA PRO E 412 8.66 -35.90 -36.40
C PRO E 412 9.72 -34.90 -35.95
N VAL E 413 10.68 -34.57 -36.82
CA VAL E 413 11.64 -33.54 -36.46
C VAL E 413 10.94 -32.18 -36.35
N SER E 414 9.93 -31.93 -37.17
CA SER E 414 9.17 -30.70 -37.05
C SER E 414 8.45 -30.62 -35.71
N VAL E 415 7.85 -31.73 -35.28
CA VAL E 415 7.14 -31.73 -34.01
C VAL E 415 8.12 -31.57 -32.85
N VAL E 416 9.30 -32.20 -32.96
CA VAL E 416 10.35 -32.01 -31.96
C VAL E 416 10.73 -30.54 -31.86
N LEU E 417 10.95 -29.89 -33.02
CA LEU E 417 11.35 -28.49 -33.01
C LEU E 417 10.27 -27.60 -32.41
N SER E 418 9.02 -27.84 -32.78
CA SER E 418 7.94 -26.99 -32.26
C SER E 418 7.73 -27.18 -30.77
N SER E 419 7.78 -28.42 -30.28
CA SER E 419 7.68 -28.63 -28.85
C SER E 419 8.91 -28.10 -28.11
N LEU E 420 10.08 -28.09 -28.76
CA LEU E 420 11.25 -27.49 -28.15
C LEU E 420 11.09 -25.98 -27.99
N ASN E 421 10.59 -25.32 -29.04
CA ASN E 421 10.27 -23.89 -28.92
C ASN E 421 9.22 -23.68 -27.85
N SER E 422 8.23 -24.57 -27.80
CA SER E 422 7.16 -24.46 -26.82
C SER E 422 7.70 -24.52 -25.40
N SER E 423 8.63 -25.44 -25.14
CA SER E 423 9.23 -25.54 -23.82
C SER E 423 10.16 -24.37 -23.53
N ALA E 424 10.87 -23.87 -24.54
CA ALA E 424 11.85 -22.81 -24.33
C ALA E 424 11.21 -21.43 -24.16
N ASN E 425 9.98 -21.23 -24.62
CA ASN E 425 9.37 -19.90 -24.53
C ASN E 425 9.26 -19.38 -23.10
N PRO E 426 8.74 -20.13 -22.12
CA PRO E 426 8.63 -19.58 -20.77
C PRO E 426 9.98 -19.19 -20.17
N ILE E 427 11.04 -19.93 -20.47
CA ILE E 427 12.35 -19.58 -19.91
C ILE E 427 12.94 -18.37 -20.61
N ILE E 428 12.45 -18.02 -21.80
CA ILE E 428 12.98 -16.85 -22.50
C ILE E 428 12.21 -15.60 -22.13
N TYR E 429 10.91 -15.73 -21.84
CA TYR E 429 10.08 -14.57 -21.59
C TYR E 429 9.70 -14.34 -20.14
N PHE E 430 9.96 -15.31 -19.25
CA PHE E 430 9.67 -15.08 -17.84
C PHE E 430 10.82 -15.42 -16.90
N PHE E 431 11.57 -16.47 -17.19
CA PHE E 431 12.53 -16.96 -16.21
C PHE E 431 13.85 -16.21 -16.29
N VAL E 432 14.30 -15.86 -17.49
CA VAL E 432 15.47 -15.01 -17.61
C VAL E 432 15.18 -13.62 -17.05
N GLY E 433 13.98 -13.10 -17.31
CA GLY E 433 13.63 -11.78 -16.80
C GLY E 433 13.56 -11.74 -15.27
N SER E 434 12.98 -12.77 -14.67
CA SER E 434 12.89 -12.86 -13.21
C SER E 434 14.13 -13.56 -12.66
N PHE E 435 15.26 -12.86 -12.80
CA PHE E 435 16.56 -13.36 -12.37
C PHE E 435 16.88 -14.72 -12.97
N CYS F 2 -8.86 -35.83 -47.26
CA CYS F 2 -8.71 -34.72 -46.34
C CYS F 2 -7.26 -34.26 -46.26
N LYS F 3 -6.65 -34.45 -45.09
CA LYS F 3 -5.27 -34.04 -44.86
C LYS F 3 -4.57 -35.11 -44.03
N ASN F 4 -3.38 -35.51 -44.46
CA ASN F 4 -2.61 -36.55 -43.78
C ASN F 4 -2.41 -36.19 -42.31
N PHE F 5 -2.99 -36.98 -41.42
CA PHE F 5 -2.90 -36.73 -39.98
C PHE F 5 -1.50 -37.09 -39.47
N PHE F 6 -1.32 -36.95 -38.16
CA PHE F 6 -0.01 -37.21 -37.56
C PHE F 6 -0.15 -38.06 -36.30
#